data_6KVF
#
_entry.id   6KVF
#
_cell.length_a   159.509
_cell.length_b   76.082
_cell.length_c   85.364
_cell.angle_alpha   90.000
_cell.angle_beta   108.530
_cell.angle_gamma   90.000
#
_symmetry.space_group_name_H-M   'C 1 2 1'
#
loop_
_entity.id
_entity.type
_entity.pdbx_description
1 polymer 'heavy chain'
2 polymer 'light chain'
3 polymer 'Peptide from C-X-C chemokine receptor type 2'
4 water water
#
loop_
_entity_poly.entity_id
_entity_poly.type
_entity_poly.pdbx_seq_one_letter_code
_entity_poly.pdbx_strand_id
1 'polypeptide(L)'
;MQVQLVQSGAEVKKPGSSVKVSCKASGGTLSSYAISWVRQAPGQGPEWMGWINPNSGGTNYAQKFQGRVTMTRDTSISTA
YMELSRLRPDDTAVYYCASGYCSSTSCYDYWGQGTLVTVSSASTKGPSVFPLAPSSKSTSGGTAALGCLVKDYFPEPVTV
SWNSGALTSGVHTFPAVLQSSGLYSLSSVVTVPSSSLGTQTYICNVNHKPSNTKVDKKVEPPKSCDK
;
H,A
2 'polypeptide(L)'
;QAVLTQPSSLSASPGASVSLTCTLRSGINVGAYRIYWYQQKPGSPPQFLLRYKSDSDKQQGSGVPSRFSGSRDASANAGI
LLISGLRSEDEADYYCAIWHSSAWVFGGGTQLTVLGGQPKAAPSVTLFPPSSEELQANKATLVCLISDFYPGAVTVAWKA
DSSPVKAGVETTTPSKQSNNKYAASSYLSLTPEQWKSHRSYSCQVTHEGSTVEKTVAPTECS
;
L,C
3 'polypeptide(L)' DSFEDFWKGED b,B
#
# COMPACT_ATOMS: atom_id res chain seq x y z
N VAL A 3 27.24 0.05 8.20
CA VAL A 3 25.82 -0.34 7.91
C VAL A 3 25.50 -0.18 6.41
N GLN A 4 25.99 0.90 5.80
CA GLN A 4 25.37 1.49 4.62
C GLN A 4 26.44 2.09 3.70
N LEU A 5 26.23 1.89 2.39
CA LEU A 5 26.86 2.70 1.34
C LEU A 5 25.80 3.66 0.78
N VAL A 6 26.17 4.93 0.61
CA VAL A 6 25.27 5.95 0.07
C VAL A 6 25.98 6.65 -1.10
N GLN A 7 25.34 6.61 -2.27
CA GLN A 7 25.90 7.12 -3.51
C GLN A 7 25.39 8.55 -3.78
N SER A 8 26.06 9.22 -4.71
CA SER A 8 25.70 10.58 -5.16
C SER A 8 24.41 10.53 -5.98
N GLY A 9 23.85 11.71 -6.25
CA GLY A 9 22.59 11.86 -6.97
C GLY A 9 22.71 11.58 -8.46
N ALA A 10 21.57 11.56 -9.14
CA ALA A 10 21.46 11.23 -10.56
C ALA A 10 22.26 12.23 -11.40
N GLU A 11 22.70 11.77 -12.58
CA GLU A 11 23.51 12.55 -13.51
C GLU A 11 22.90 12.46 -14.91
N VAL A 12 22.98 13.56 -15.65
CA VAL A 12 22.58 13.61 -17.06
C VAL A 12 23.76 14.20 -17.85
N LYS A 13 24.15 13.52 -18.94
CA LYS A 13 25.37 13.83 -19.67
C LYS A 13 25.11 13.76 -21.18
N LYS A 14 25.97 14.46 -21.94
CA LYS A 14 25.99 14.43 -23.39
C LYS A 14 27.01 13.39 -23.84
N PRO A 15 26.78 12.70 -24.99
CA PRO A 15 27.75 11.73 -25.50
C PRO A 15 29.11 12.37 -25.76
N GLY A 16 30.15 11.84 -25.09
CA GLY A 16 31.53 12.32 -25.24
C GLY A 16 32.06 12.94 -23.94
N SER A 17 31.16 13.35 -23.05
CA SER A 17 31.52 13.92 -21.75
C SER A 17 31.86 12.79 -20.76
N SER A 18 32.17 13.16 -19.52
CA SER A 18 32.46 12.22 -18.45
C SER A 18 31.54 12.47 -17.25
N VAL A 19 31.46 11.48 -16.35
CA VAL A 19 30.67 11.55 -15.13
C VAL A 19 31.48 10.92 -14.00
N LYS A 20 31.33 11.47 -12.78
CA LYS A 20 32.02 10.98 -11.60
C LYS A 20 30.98 10.74 -10.49
N VAL A 21 30.82 9.47 -10.12
CA VAL A 21 29.87 9.03 -9.10
C VAL A 21 30.64 8.65 -7.84
N SER A 22 30.16 9.12 -6.69
CA SER A 22 30.79 8.86 -5.39
C SER A 22 29.96 7.83 -4.62
N CYS A 23 30.64 7.08 -3.75
CA CYS A 23 30.05 6.04 -2.90
C CYS A 23 30.63 6.15 -1.49
N LYS A 24 29.90 6.83 -0.61
CA LYS A 24 30.35 7.19 0.73
C LYS A 24 29.81 6.18 1.75
N ALA A 25 30.72 5.58 2.53
CA ALA A 25 30.37 4.68 3.63
C ALA A 25 30.03 5.51 4.88
N SER A 26 28.95 5.12 5.57
CA SER A 26 28.47 5.83 6.75
C SER A 26 29.31 5.44 7.98
N LEU A 30 36.20 3.89 5.56
CA LEU A 30 35.67 2.98 4.53
C LEU A 30 35.76 1.55 5.07
N SER A 31 35.82 0.58 4.15
CA SER A 31 36.07 -0.82 4.44
C SER A 31 37.58 -1.10 4.39
N SER A 32 37.94 -2.36 4.68
CA SER A 32 39.26 -2.92 4.39
C SER A 32 39.16 -3.89 3.22
N TYR A 33 37.94 -4.07 2.70
CA TYR A 33 37.61 -4.98 1.61
C TYR A 33 37.31 -4.16 0.35
N ALA A 34 37.50 -4.80 -0.82
CA ALA A 34 37.41 -4.14 -2.11
C ALA A 34 35.98 -3.63 -2.35
N ILE A 35 35.87 -2.37 -2.80
CA ILE A 35 34.62 -1.80 -3.28
C ILE A 35 34.51 -2.07 -4.78
N SER A 36 33.52 -2.87 -5.16
CA SER A 36 33.25 -3.22 -6.55
C SER A 36 32.16 -2.29 -7.11
N TRP A 37 32.29 -1.95 -8.40
CA TRP A 37 31.30 -1.13 -9.11
C TRP A 37 30.57 -1.99 -10.15
N VAL A 38 29.23 -1.97 -10.07
CA VAL A 38 28.36 -2.74 -10.94
C VAL A 38 27.28 -1.79 -11.48
N ARG A 39 27.01 -1.87 -12.78
CA ARG A 39 25.98 -1.06 -13.42
C ARG A 39 24.92 -2.00 -14.03
N GLN A 40 23.72 -1.44 -14.21
CA GLN A 40 22.57 -2.16 -14.76
C GLN A 40 21.81 -1.24 -15.72
N ALA A 41 21.89 -1.57 -17.02
CA ALA A 41 21.13 -0.87 -18.05
C ALA A 41 19.64 -1.18 -17.87
N PRO A 42 18.73 -0.26 -18.26
CA PRO A 42 17.29 -0.48 -18.07
C PRO A 42 16.81 -1.78 -18.72
N GLY A 43 16.18 -2.65 -17.91
CA GLY A 43 15.65 -3.94 -18.35
C GLY A 43 16.75 -4.90 -18.76
N GLN A 44 17.90 -4.83 -18.06
CA GLN A 44 19.07 -5.66 -18.34
C GLN A 44 19.62 -6.23 -17.04
N GLY A 45 20.57 -7.16 -17.15
CA GLY A 45 21.24 -7.75 -16.02
C GLY A 45 22.40 -6.87 -15.53
N PRO A 46 23.01 -7.20 -14.36
CA PRO A 46 24.15 -6.44 -13.86
C PRO A 46 25.40 -6.63 -14.73
N GLU A 47 26.25 -5.62 -14.79
CA GLU A 47 27.51 -5.63 -15.53
C GLU A 47 28.62 -5.13 -14.62
N TRP A 48 29.57 -6.00 -14.30
CA TRP A 48 30.70 -5.69 -13.43
C TRP A 48 31.70 -4.80 -14.17
N MET A 49 32.12 -3.72 -13.50
CA MET A 49 33.02 -2.73 -14.08
C MET A 49 34.45 -2.89 -13.51
N GLY A 50 34.55 -3.18 -12.21
CA GLY A 50 35.83 -3.36 -11.54
C GLY A 50 35.70 -3.26 -10.03
N TRP A 51 36.85 -3.34 -9.34
CA TRP A 51 36.92 -3.08 -7.90
C TRP A 51 38.11 -2.14 -7.61
N ILE A 52 38.10 -1.57 -6.40
CA ILE A 52 39.23 -0.83 -5.84
C ILE A 52 39.46 -1.34 -4.41
N ASN A 53 40.74 -1.47 -4.04
CA ASN A 53 41.15 -1.83 -2.69
C ASN A 53 41.29 -0.54 -1.88
N PRO A 54 40.59 -0.39 -0.74
CA PRO A 54 40.56 0.90 -0.03
C PRO A 54 41.88 1.23 0.69
N ASN A 55 42.60 0.20 1.15
CA ASN A 55 43.86 0.37 1.88
C ASN A 55 44.97 0.79 0.91
N SER A 56 45.11 0.03 -0.19
CA SER A 56 46.18 0.24 -1.17
C SER A 56 45.82 1.36 -2.15
N GLY A 57 44.56 1.35 -2.62
CA GLY A 57 44.09 2.19 -3.71
C GLY A 57 44.27 1.51 -5.06
N GLY A 58 44.60 0.21 -5.02
CA GLY A 58 44.84 -0.58 -6.22
C GLY A 58 43.53 -0.97 -6.89
N THR A 59 43.52 -0.90 -8.23
CA THR A 59 42.32 -1.08 -9.03
C THR A 59 42.45 -2.33 -9.90
N ASN A 60 41.30 -2.81 -10.42
CA ASN A 60 41.23 -3.90 -11.38
C ASN A 60 39.94 -3.71 -12.20
N TYR A 61 40.09 -3.13 -13.40
CA TYR A 61 38.96 -2.81 -14.27
C TYR A 61 38.67 -3.98 -15.20
N ALA A 62 37.38 -4.15 -15.54
CA ALA A 62 36.95 -5.06 -16.58
C ALA A 62 37.47 -4.55 -17.94
N GLN A 63 37.73 -5.49 -18.85
CA GLN A 63 38.42 -5.20 -20.11
C GLN A 63 37.63 -4.17 -20.94
N LYS A 64 36.29 -4.25 -20.89
CA LYS A 64 35.41 -3.38 -21.67
C LYS A 64 35.65 -1.91 -21.32
N PHE A 65 35.88 -1.63 -20.02
CA PHE A 65 35.97 -0.25 -19.53
C PHE A 65 37.42 0.21 -19.43
N GLN A 66 38.38 -0.72 -19.51
CA GLN A 66 39.81 -0.39 -19.52
C GLN A 66 40.08 0.65 -20.60
N GLY A 67 40.47 1.85 -20.17
CA GLY A 67 40.79 2.96 -21.08
C GLY A 67 40.07 4.25 -20.69
N ARG A 68 38.82 4.12 -20.25
CA ARG A 68 37.95 5.29 -20.02
C ARG A 68 37.25 5.24 -18.66
N VAL A 69 37.77 4.44 -17.71
CA VAL A 69 37.24 4.42 -16.35
C VAL A 69 38.40 4.60 -15.36
N THR A 70 38.16 5.43 -14.34
CA THR A 70 39.09 5.65 -13.24
C THR A 70 38.33 5.45 -11.92
N MET A 71 38.89 4.61 -11.04
CA MET A 71 38.33 4.38 -9.71
C MET A 71 39.36 4.80 -8.67
N THR A 72 38.92 5.69 -7.76
CA THR A 72 39.75 6.29 -6.73
C THR A 72 39.03 6.20 -5.38
N ARG A 73 39.71 6.62 -4.32
CA ARG A 73 39.17 6.62 -2.97
C ARG A 73 39.82 7.76 -2.16
N ASP A 74 39.08 8.24 -1.16
CA ASP A 74 39.57 9.19 -0.17
C ASP A 74 39.23 8.64 1.21
N THR A 75 40.22 8.01 1.86
CA THR A 75 40.03 7.30 3.13
C THR A 75 39.75 8.30 4.27
N SER A 76 40.09 9.58 4.06
CA SER A 76 39.81 10.65 5.01
C SER A 76 38.30 10.77 5.26
N ILE A 77 37.55 10.97 4.15
CA ILE A 77 36.08 11.10 4.18
C ILE A 77 35.43 9.73 3.94
N SER A 78 36.24 8.75 3.51
CA SER A 78 35.82 7.35 3.35
C SER A 78 34.74 7.24 2.26
N THR A 79 35.06 7.78 1.08
CA THR A 79 34.17 7.71 -0.09
C THR A 79 34.98 7.20 -1.29
N ALA A 80 34.39 6.27 -2.04
CA ALA A 80 34.95 5.75 -3.29
C ALA A 80 34.33 6.51 -4.46
N TYR A 81 35.14 6.75 -5.51
CA TYR A 81 34.70 7.45 -6.70
C TYR A 81 34.83 6.52 -7.91
N MET A 82 33.96 6.71 -8.90
CA MET A 82 34.02 6.04 -10.19
C MET A 82 33.75 7.07 -11.29
N GLU A 83 34.78 7.35 -12.10
CA GLU A 83 34.69 8.28 -13.21
C GLU A 83 34.71 7.49 -14.51
N LEU A 84 33.67 7.68 -15.34
CA LEU A 84 33.57 7.07 -16.67
C LEU A 84 33.67 8.17 -17.73
N SER A 85 34.61 8.02 -18.66
CA SER A 85 34.98 9.04 -19.64
C SER A 85 34.36 8.73 -21.01
N ARG A 86 34.27 9.76 -21.86
CA ARG A 86 33.83 9.64 -23.25
C ARG A 86 32.57 8.75 -23.32
N LEU A 87 31.48 9.26 -22.74
CA LEU A 87 30.28 8.45 -22.48
C LEU A 87 29.56 8.15 -23.80
N ARG A 88 28.98 6.94 -23.85
CA ARG A 88 28.12 6.47 -24.93
C ARG A 88 26.68 6.41 -24.42
N PRO A 89 25.66 6.60 -25.29
CA PRO A 89 24.28 6.30 -24.92
C PRO A 89 24.07 4.94 -24.23
N ASP A 90 24.88 3.94 -24.60
CA ASP A 90 24.82 2.58 -24.03
C ASP A 90 25.30 2.56 -22.56
N ASP A 91 25.96 3.63 -22.12
CA ASP A 91 26.41 3.77 -20.73
C ASP A 91 25.26 4.28 -19.84
N THR A 92 24.07 4.51 -20.43
CA THR A 92 22.87 4.82 -19.66
C THR A 92 22.50 3.61 -18.80
N ALA A 93 22.63 3.76 -17.49
CA ALA A 93 22.38 2.69 -16.53
C ALA A 93 22.31 3.26 -15.12
N VAL A 94 21.90 2.41 -14.17
CA VAL A 94 22.01 2.68 -12.76
C VAL A 94 23.33 2.07 -12.28
N TYR A 95 24.24 2.92 -11.79
CA TYR A 95 25.56 2.52 -11.34
C TYR A 95 25.52 2.29 -9.82
N TYR A 96 25.85 1.06 -9.41
CA TYR A 96 25.89 0.65 -8.02
C TYR A 96 27.33 0.52 -7.55
N CYS A 97 27.56 0.82 -6.26
CA CYS A 97 28.78 0.43 -5.55
C CYS A 97 28.42 -0.67 -4.55
N ALA A 98 29.36 -1.58 -4.32
CA ALA A 98 29.12 -2.74 -3.47
C ALA A 98 30.43 -3.19 -2.81
N SER A 99 30.30 -3.77 -1.61
CA SER A 99 31.41 -4.36 -0.87
C SER A 99 30.86 -5.38 0.12
N GLY A 100 31.71 -6.30 0.56
CA GLY A 100 31.32 -7.32 1.53
C GLY A 100 32.47 -8.23 1.91
N TYR A 101 32.16 -9.20 2.77
CA TYR A 101 33.11 -10.20 3.24
C TYR A 101 32.37 -11.51 3.53
N CYS A 102 33.13 -12.61 3.57
CA CYS A 102 32.58 -13.96 3.72
C CYS A 102 33.39 -14.74 4.76
N SER A 103 32.68 -15.37 5.71
CA SER A 103 33.22 -16.36 6.62
C SER A 103 33.08 -17.74 5.97
N SER A 104 33.31 -18.80 6.75
CA SER A 104 33.02 -20.17 6.34
C SER A 104 31.50 -20.42 6.32
N THR A 105 30.78 -19.69 7.18
CA THR A 105 29.34 -19.87 7.37
C THR A 105 28.54 -19.07 6.34
N SER A 106 28.67 -17.73 6.40
CA SER A 106 27.80 -16.82 5.66
C SER A 106 28.62 -15.71 4.98
N CYS A 107 27.92 -14.86 4.22
CA CYS A 107 28.49 -13.69 3.55
C CYS A 107 27.64 -12.46 3.87
N TYR A 108 28.30 -11.30 3.92
CA TYR A 108 27.69 -10.02 4.31
C TYR A 108 27.99 -8.97 3.23
N ASP A 109 27.09 -8.86 2.25
CA ASP A 109 27.23 -7.92 1.14
C ASP A 109 26.51 -6.61 1.49
N TYR A 110 27.02 -5.51 0.94
CA TYR A 110 26.45 -4.18 1.13
C TYR A 110 26.43 -3.45 -0.21
N TRP A 111 25.25 -3.01 -0.64
CA TRP A 111 25.04 -2.28 -1.88
C TRP A 111 24.59 -0.85 -1.59
N GLY A 112 25.02 0.08 -2.45
CA GLY A 112 24.49 1.43 -2.46
C GLY A 112 23.08 1.45 -3.03
N GLN A 113 22.40 2.60 -2.92
CA GLN A 113 21.03 2.77 -3.43
C GLN A 113 21.05 2.80 -4.96
N GLY A 114 22.18 3.20 -5.54
CA GLY A 114 22.37 3.28 -6.99
C GLY A 114 22.29 4.71 -7.48
N THR A 115 22.94 4.96 -8.63
CA THR A 115 22.98 6.28 -9.25
C THR A 115 22.63 6.15 -10.73
N LEU A 116 21.43 6.62 -11.10
CA LEU A 116 21.02 6.69 -12.49
C LEU A 116 21.89 7.72 -13.22
N VAL A 117 22.58 7.26 -14.27
CA VAL A 117 23.30 8.13 -15.19
C VAL A 117 22.63 7.98 -16.56
N THR A 118 22.15 9.11 -17.09
CA THR A 118 21.47 9.16 -18.39
C THR A 118 22.38 9.87 -19.39
N VAL A 119 22.73 9.16 -20.47
CA VAL A 119 23.58 9.69 -21.53
C VAL A 119 22.76 9.74 -22.83
N SER A 120 22.59 10.95 -23.36
CA SER A 120 21.88 11.19 -24.61
C SER A 120 22.14 12.63 -25.09
N SER A 121 22.01 12.83 -26.40
CA SER A 121 22.22 14.12 -27.05
C SER A 121 21.04 15.06 -26.78
N ALA A 122 19.98 14.54 -26.15
CA ALA A 122 18.84 15.34 -25.69
C ALA A 122 19.28 16.21 -24.51
N SER A 123 18.59 17.35 -24.37
CA SER A 123 18.79 18.28 -23.24
C SER A 123 17.65 18.08 -22.24
N THR A 124 17.90 18.48 -20.99
CA THR A 124 16.89 18.43 -19.93
C THR A 124 15.67 19.23 -20.38
N LYS A 125 14.49 18.61 -20.27
CA LYS A 125 13.23 19.20 -20.73
C LYS A 125 12.11 18.74 -19.80
N GLY A 126 11.24 19.69 -19.42
CA GLY A 126 10.05 19.42 -18.65
C GLY A 126 8.95 18.78 -19.50
N PRO A 127 8.00 18.04 -18.89
CA PRO A 127 6.94 17.38 -19.65
C PRO A 127 5.76 18.29 -19.97
N SER A 128 5.12 18.03 -21.12
CA SER A 128 3.81 18.57 -21.44
C SER A 128 2.74 17.61 -20.93
N VAL A 129 1.94 18.06 -19.95
CA VAL A 129 0.90 17.25 -19.32
C VAL A 129 -0.44 17.58 -19.99
N PHE A 130 -1.07 16.54 -20.57
CA PHE A 130 -2.36 16.68 -21.23
C PHE A 130 -3.39 15.80 -20.51
N PRO A 131 -4.65 16.28 -20.33
CA PRO A 131 -5.69 15.49 -19.68
C PRO A 131 -6.31 14.47 -20.65
N LEU A 132 -6.61 13.27 -20.14
CA LEU A 132 -7.33 12.25 -20.88
C LEU A 132 -8.76 12.19 -20.34
N ALA A 133 -9.63 13.04 -20.92
CA ALA A 133 -10.98 13.27 -20.43
C ALA A 133 -11.82 12.01 -20.60
N PRO A 134 -12.70 11.68 -19.62
CA PRO A 134 -13.56 10.51 -19.71
C PRO A 134 -14.78 10.75 -20.61
N SER A 140 -20.19 0.52 -19.29
CA SER A 140 -19.58 -0.45 -18.38
C SER A 140 -20.48 -0.64 -17.16
N GLY A 141 -19.89 -1.08 -16.03
CA GLY A 141 -20.59 -1.22 -14.76
C GLY A 141 -20.58 0.08 -13.96
N GLY A 142 -20.97 1.18 -14.61
CA GLY A 142 -21.10 2.49 -13.99
C GLY A 142 -19.77 3.17 -13.73
N THR A 143 -18.70 2.69 -14.39
CA THR A 143 -17.34 3.23 -14.21
C THR A 143 -16.97 4.08 -15.43
N ALA A 144 -16.04 5.02 -15.20
CA ALA A 144 -15.44 5.84 -16.24
C ALA A 144 -13.91 5.87 -16.05
N ALA A 145 -13.20 5.89 -17.17
CA ALA A 145 -11.73 5.92 -17.19
C ALA A 145 -11.26 7.31 -17.61
N LEU A 146 -10.38 7.90 -16.78
CA LEU A 146 -9.71 9.15 -17.09
C LEU A 146 -8.26 9.08 -16.59
N GLY A 147 -7.43 9.99 -17.06
CA GLY A 147 -6.02 10.01 -16.70
C GLY A 147 -5.30 11.25 -17.21
N CYS A 148 -3.96 11.19 -17.12
CA CYS A 148 -3.06 12.23 -17.60
C CYS A 148 -1.99 11.59 -18.49
N LEU A 149 -1.64 12.29 -19.59
CA LEU A 149 -0.54 11.91 -20.47
C LEU A 149 0.63 12.86 -20.23
N VAL A 150 1.72 12.32 -19.70
CA VAL A 150 2.95 13.06 -19.39
C VAL A 150 3.96 12.76 -20.51
N LYS A 151 4.08 13.69 -21.47
CA LYS A 151 4.74 13.42 -22.75
C LYS A 151 5.96 14.31 -22.94
N ASP A 152 6.98 13.73 -23.61
CA ASP A 152 8.14 14.44 -24.13
C ASP A 152 8.89 15.17 -23.01
N TYR A 153 9.53 14.38 -22.13
CA TYR A 153 10.38 14.89 -21.07
C TYR A 153 11.70 14.11 -21.04
N PHE A 154 12.68 14.66 -20.33
CA PHE A 154 14.02 14.11 -20.22
C PHE A 154 14.77 14.84 -19.12
N PRO A 155 15.47 14.11 -18.23
CA PRO A 155 15.57 12.65 -18.17
C PRO A 155 14.38 12.03 -17.42
N GLU A 156 14.50 10.75 -17.04
CA GLU A 156 13.35 9.85 -16.83
C GLU A 156 12.51 10.23 -15.61
N PRO A 157 13.06 10.23 -14.37
CA PRO A 157 12.19 10.14 -13.18
C PRO A 157 11.17 11.28 -13.07
N VAL A 158 9.91 10.97 -13.41
CA VAL A 158 8.75 11.77 -13.03
C VAL A 158 7.89 10.93 -12.06
N THR A 159 7.14 11.61 -11.21
CA THR A 159 6.20 10.99 -10.28
C THR A 159 4.81 11.58 -10.51
N VAL A 160 3.79 10.71 -10.48
CA VAL A 160 2.40 11.09 -10.70
C VAL A 160 1.57 10.66 -9.49
N SER A 161 0.92 11.64 -8.84
CA SER A 161 -0.08 11.40 -7.82
C SER A 161 -1.42 11.95 -8.31
N TRP A 162 -2.50 11.60 -7.60
CA TRP A 162 -3.85 12.10 -7.87
C TRP A 162 -4.43 12.74 -6.60
N ASN A 163 -4.86 14.00 -6.72
CA ASN A 163 -5.38 14.80 -5.61
C ASN A 163 -4.34 14.84 -4.48
N SER A 164 -3.09 15.09 -4.87
CA SER A 164 -1.93 15.21 -3.97
C SER A 164 -1.76 13.92 -3.14
N GLY A 165 -2.08 12.77 -3.76
CA GLY A 165 -1.81 11.44 -3.19
C GLY A 165 -2.99 10.84 -2.42
N ALA A 166 -4.10 11.58 -2.33
CA ALA A 166 -5.27 11.14 -1.55
C ALA A 166 -6.03 10.02 -2.28
N LEU A 167 -5.91 9.98 -3.61
CA LEU A 167 -6.59 8.98 -4.45
C LEU A 167 -5.57 7.94 -4.92
N THR A 168 -5.60 6.75 -4.31
CA THR A 168 -4.71 5.63 -4.63
C THR A 168 -5.50 4.49 -5.29
N SER A 169 -6.67 4.17 -4.74
CA SER A 169 -7.51 3.06 -5.22
C SER A 169 -7.94 3.30 -6.67
N GLY A 170 -7.75 2.28 -7.51
CA GLY A 170 -8.15 2.29 -8.91
C GLY A 170 -7.26 3.15 -9.78
N VAL A 171 -6.02 3.42 -9.30
CA VAL A 171 -5.05 4.25 -10.01
C VAL A 171 -3.92 3.34 -10.52
N HIS A 172 -3.47 3.61 -11.75
CA HIS A 172 -2.33 2.92 -12.34
C HIS A 172 -1.48 3.92 -13.15
N THR A 173 -0.24 4.12 -12.71
CA THR A 173 0.76 4.90 -13.43
C THR A 173 1.67 3.94 -14.20
N PHE A 174 1.67 4.04 -15.53
CA PHE A 174 2.35 3.11 -16.40
C PHE A 174 3.85 3.40 -16.41
N PRO A 175 4.70 2.39 -16.71
CA PRO A 175 6.13 2.62 -16.94
C PRO A 175 6.35 3.54 -18.16
N ALA A 176 7.51 4.21 -18.18
CA ALA A 176 7.83 5.17 -19.22
C ALA A 176 8.27 4.45 -20.50
N VAL A 177 8.04 5.10 -21.64
CA VAL A 177 8.51 4.66 -22.94
C VAL A 177 9.56 5.65 -23.42
N LEU A 178 10.75 5.15 -23.80
CA LEU A 178 11.75 5.94 -24.47
C LEU A 178 11.45 5.94 -25.97
N GLN A 179 10.98 7.09 -26.47
CA GLN A 179 10.56 7.25 -27.85
C GLN A 179 11.79 7.38 -28.74
N SER A 180 11.58 7.30 -30.05
CA SER A 180 12.65 7.38 -31.05
C SER A 180 13.29 8.78 -31.04
N SER A 181 12.52 9.79 -30.62
CA SER A 181 12.97 11.18 -30.53
C SER A 181 14.04 11.34 -29.45
N GLY A 182 14.08 10.42 -28.49
CA GLY A 182 15.03 10.46 -27.37
C GLY A 182 14.41 11.04 -26.11
N LEU A 183 13.09 11.32 -26.16
CA LEU A 183 12.34 11.83 -25.03
C LEU A 183 11.45 10.71 -24.47
N TYR A 184 11.11 10.85 -23.19
CA TYR A 184 10.31 9.87 -22.47
C TYR A 184 8.84 10.28 -22.45
N SER A 185 7.97 9.30 -22.15
CA SER A 185 6.54 9.51 -22.03
C SER A 185 5.96 8.43 -21.13
N LEU A 186 4.98 8.83 -20.30
CA LEU A 186 4.11 7.88 -19.61
C LEU A 186 2.74 8.51 -19.41
N SER A 187 1.79 7.66 -18.98
CA SER A 187 0.45 8.07 -18.64
C SER A 187 0.05 7.41 -17.32
N SER A 188 -0.84 8.08 -16.59
CA SER A 188 -1.45 7.53 -15.38
C SER A 188 -2.97 7.54 -15.56
N VAL A 189 -3.61 6.48 -15.06
CA VAL A 189 -5.04 6.24 -15.26
C VAL A 189 -5.69 6.10 -13.88
N VAL A 190 -6.96 6.47 -13.80
CA VAL A 190 -7.78 6.24 -12.61
C VAL A 190 -9.20 5.90 -13.06
N THR A 191 -9.72 4.79 -12.53
CA THR A 191 -11.10 4.36 -12.76
C THR A 191 -11.97 4.92 -11.62
N VAL A 192 -13.02 5.66 -11.99
CA VAL A 192 -13.93 6.28 -11.04
C VAL A 192 -15.36 5.98 -11.49
N PRO A 193 -16.33 5.96 -10.55
CA PRO A 193 -17.75 5.85 -10.92
C PRO A 193 -18.20 7.05 -11.77
N SER A 194 -19.16 6.82 -12.68
CA SER A 194 -19.68 7.83 -13.60
C SER A 194 -20.43 8.93 -12.84
N SER A 195 -20.99 8.56 -11.67
CA SER A 195 -21.81 9.46 -10.84
C SER A 195 -20.97 10.61 -10.26
N SER A 196 -19.65 10.49 -10.27
CA SER A 196 -18.75 11.40 -9.54
C SER A 196 -18.12 12.46 -10.46
N LEU A 197 -18.27 12.33 -11.77
CA LEU A 197 -17.46 13.09 -12.75
C LEU A 197 -17.81 14.58 -12.74
N GLY A 198 -19.07 14.92 -12.40
CA GLY A 198 -19.52 16.30 -12.34
C GLY A 198 -19.20 16.98 -11.01
N THR A 199 -19.03 16.17 -9.96
CA THR A 199 -18.97 16.65 -8.58
C THR A 199 -17.54 16.50 -8.02
N GLN A 200 -17.01 15.28 -8.06
CA GLN A 200 -15.69 14.97 -7.50
C GLN A 200 -14.58 15.44 -8.46
N THR A 201 -13.65 16.25 -7.93
CA THR A 201 -12.54 16.82 -8.70
C THR A 201 -11.37 15.82 -8.71
N TYR A 202 -10.80 15.63 -9.91
CA TYR A 202 -9.66 14.74 -10.13
C TYR A 202 -8.50 15.53 -10.76
N ILE A 203 -7.44 15.74 -9.96
CA ILE A 203 -6.24 16.44 -10.40
C ILE A 203 -5.07 15.45 -10.36
N CYS A 204 -4.27 15.42 -11.43
CA CYS A 204 -3.02 14.66 -11.47
C CYS A 204 -1.85 15.62 -11.21
N ASN A 205 -0.98 15.24 -10.27
CA ASN A 205 0.18 16.02 -9.86
C ASN A 205 1.44 15.42 -10.47
N VAL A 206 1.97 16.09 -11.50
CA VAL A 206 3.16 15.64 -12.21
C VAL A 206 4.37 16.44 -11.70
N ASN A 207 5.37 15.71 -11.19
CA ASN A 207 6.62 16.29 -10.71
C ASN A 207 7.79 15.67 -11.49
N HIS A 208 8.49 16.51 -12.26
CA HIS A 208 9.73 16.15 -12.94
C HIS A 208 10.87 16.92 -12.29
N LYS A 209 11.56 16.28 -11.34
CA LYS A 209 12.56 16.92 -10.49
C LYS A 209 13.80 17.30 -11.29
N PRO A 210 14.28 16.48 -12.24
CA PRO A 210 15.40 16.87 -13.09
C PRO A 210 15.32 18.26 -13.75
N SER A 211 14.11 18.74 -14.07
CA SER A 211 13.90 20.05 -14.69
C SER A 211 13.21 21.04 -13.73
N ASN A 212 12.93 20.60 -12.49
CA ASN A 212 12.27 21.40 -11.46
C ASN A 212 10.93 21.93 -11.99
N THR A 213 10.12 21.04 -12.58
CA THR A 213 8.81 21.39 -13.12
C THR A 213 7.73 20.57 -12.40
N LYS A 214 6.82 21.30 -11.73
CA LYS A 214 5.64 20.72 -11.09
C LYS A 214 4.39 21.25 -11.81
N VAL A 215 3.53 20.34 -12.26
CA VAL A 215 2.30 20.66 -12.97
C VAL A 215 1.14 19.91 -12.31
N ASP A 216 0.04 20.64 -12.08
CA ASP A 216 -1.20 20.10 -11.55
C ASP A 216 -2.33 20.35 -12.56
N LYS A 217 -2.74 19.29 -13.27
CA LYS A 217 -3.79 19.38 -14.27
C LYS A 217 -5.03 18.63 -13.78
N LYS A 218 -6.18 19.32 -13.81
CA LYS A 218 -7.47 18.71 -13.52
C LYS A 218 -8.05 18.15 -14.82
N VAL A 219 -8.60 16.93 -14.73
CA VAL A 219 -9.27 16.27 -15.83
C VAL A 219 -10.78 16.47 -15.70
N GLU A 220 -11.40 17.03 -16.75
CA GLU A 220 -12.82 17.36 -16.77
C GLU A 220 -13.48 16.73 -18.00
N PRO A 221 -14.78 16.37 -17.94
CA PRO A 221 -15.52 15.92 -19.11
C PRO A 221 -16.05 17.08 -19.95
N PRO A 222 -15.82 17.08 -21.29
CA PRO A 222 -16.36 18.12 -22.16
C PRO A 222 -17.80 17.82 -22.60
N GLN B 4 -5.56 1.14 33.33
CA GLN B 4 -5.85 1.72 31.99
C GLN B 4 -4.54 2.22 31.36
N LEU B 5 -4.35 1.92 30.07
CA LEU B 5 -3.23 2.39 29.27
C LEU B 5 -3.75 3.35 28.20
N VAL B 6 -3.10 4.52 28.08
CA VAL B 6 -3.49 5.56 27.11
C VAL B 6 -2.28 5.83 26.20
N GLN B 7 -2.50 5.69 24.89
CA GLN B 7 -1.46 5.81 23.87
C GLN B 7 -1.42 7.24 23.33
N SER B 8 -0.43 7.51 22.48
CA SER B 8 -0.27 8.79 21.79
C SER B 8 -1.36 8.95 20.72
N GLY B 9 -1.47 10.15 20.15
CA GLY B 9 -2.43 10.46 19.11
C GLY B 9 -2.00 9.92 17.75
N ALA B 10 -2.90 10.01 16.77
CA ALA B 10 -2.68 9.51 15.42
C ALA B 10 -1.53 10.27 14.77
N GLU B 11 -0.81 9.59 13.87
CA GLU B 11 0.38 10.13 13.20
C GLU B 11 0.24 9.90 11.68
N VAL B 12 0.82 10.82 10.92
CA VAL B 12 0.99 10.68 9.46
C VAL B 12 2.44 11.01 9.12
N LYS B 13 3.13 10.04 8.49
CA LYS B 13 4.55 10.13 8.22
C LYS B 13 4.82 9.80 6.75
N LYS B 14 5.93 10.34 6.24
CA LYS B 14 6.38 10.09 4.87
C LYS B 14 7.17 8.78 4.85
N PRO B 15 7.20 8.04 3.72
CA PRO B 15 8.01 6.82 3.61
C PRO B 15 9.50 7.12 3.82
N GLY B 16 10.14 6.35 4.71
CA GLY B 16 11.57 6.49 5.02
C GLY B 16 11.82 7.17 6.35
N SER B 17 10.80 7.87 6.88
CA SER B 17 10.88 8.59 8.15
C SER B 17 10.72 7.61 9.31
N SER B 18 10.62 8.15 10.54
CA SER B 18 10.43 7.37 11.75
C SER B 18 9.20 7.85 12.50
N VAL B 19 8.58 6.93 13.25
CA VAL B 19 7.44 7.21 14.12
C VAL B 19 7.77 6.67 15.52
N LYS B 20 7.40 7.45 16.54
CA LYS B 20 7.52 7.05 17.93
C LYS B 20 6.15 7.18 18.60
N VAL B 21 5.69 6.08 19.21
CA VAL B 21 4.39 6.02 19.86
C VAL B 21 4.60 5.55 21.31
N SER B 22 3.84 6.16 22.22
CA SER B 22 4.00 5.99 23.65
C SER B 22 2.77 5.27 24.22
N CYS B 23 3.01 4.46 25.26
CA CYS B 23 1.94 3.92 26.09
C CYS B 23 2.14 4.41 27.52
N LYS B 24 1.14 5.17 28.01
CA LYS B 24 1.17 5.80 29.33
C LYS B 24 0.14 5.12 30.24
N ALA B 25 0.62 4.49 31.30
CA ALA B 25 -0.22 3.95 32.35
C ALA B 25 -0.80 5.12 33.16
N SER B 26 -2.14 5.17 33.25
CA SER B 26 -2.84 6.16 34.07
C SER B 26 -2.42 5.97 35.53
N GLY B 27 -1.92 7.04 36.14
CA GLY B 27 -1.20 6.99 37.41
C GLY B 27 0.27 7.25 37.21
N GLY B 28 1.11 6.61 38.03
CA GLY B 28 2.54 6.88 38.05
C GLY B 28 3.41 5.64 37.85
N THR B 29 2.80 4.47 37.63
CA THR B 29 3.56 3.20 37.49
C THR B 29 2.78 2.18 36.65
N LEU B 30 3.52 1.24 36.04
CA LEU B 30 3.00 0.30 35.03
C LEU B 30 2.96 -1.13 35.59
N SER B 31 3.45 -1.32 36.83
CA SER B 31 3.26 -2.55 37.61
C SER B 31 4.20 -3.67 37.16
N SER B 32 5.33 -3.31 36.52
CA SER B 32 6.46 -4.23 36.31
C SER B 32 6.05 -5.49 35.54
N TYR B 33 5.16 -5.35 34.55
CA TYR B 33 4.74 -6.46 33.71
C TYR B 33 5.09 -6.17 32.24
N ALA B 34 5.61 -7.19 31.55
CA ALA B 34 6.16 -7.07 30.20
C ALA B 34 5.12 -6.47 29.25
N ILE B 35 5.47 -5.32 28.66
CA ILE B 35 4.62 -4.59 27.72
C ILE B 35 4.88 -5.11 26.31
N SER B 36 3.80 -5.47 25.60
CA SER B 36 3.86 -5.98 24.23
C SER B 36 3.35 -4.91 23.26
N TRP B 37 3.81 -5.00 22.01
CA TRP B 37 3.36 -4.14 20.93
C TRP B 37 2.90 -5.02 19.75
N VAL B 38 1.62 -4.88 19.39
CA VAL B 38 1.06 -5.50 18.19
C VAL B 38 0.42 -4.41 17.35
N ARG B 39 0.44 -4.60 16.03
CA ARG B 39 -0.19 -3.67 15.09
C ARG B 39 -1.23 -4.43 14.26
N GLN B 40 -2.15 -3.68 13.65
CA GLN B 40 -3.23 -4.24 12.86
C GLN B 40 -3.47 -3.35 11.63
N ALA B 41 -3.08 -3.87 10.47
CA ALA B 41 -3.35 -3.24 9.18
C ALA B 41 -4.86 -3.24 8.94
N PRO B 42 -5.41 -2.24 8.22
CA PRO B 42 -6.86 -2.17 7.98
C PRO B 42 -7.41 -3.42 7.29
N GLY B 43 -8.33 -4.11 7.98
CA GLY B 43 -8.98 -5.32 7.47
C GLY B 43 -8.05 -6.51 7.47
N GLN B 44 -7.16 -6.58 8.47
CA GLN B 44 -6.19 -7.67 8.63
C GLN B 44 -6.11 -8.04 10.11
N GLY B 45 -5.53 -9.21 10.39
CA GLY B 45 -5.35 -9.70 11.75
C GLY B 45 -4.24 -8.94 12.48
N PRO B 46 -4.19 -9.02 13.84
CA PRO B 46 -3.12 -8.38 14.61
C PRO B 46 -1.77 -9.07 14.38
N GLU B 47 -0.69 -8.29 14.51
CA GLU B 47 0.67 -8.75 14.20
C GLU B 47 1.59 -8.33 15.35
N TRP B 48 2.12 -9.32 16.07
CA TRP B 48 3.00 -9.11 17.21
C TRP B 48 4.36 -8.59 16.74
N MET B 49 4.84 -7.54 17.41
CA MET B 49 6.10 -6.87 17.07
C MET B 49 7.19 -7.25 18.07
N GLY B 50 6.86 -7.22 19.36
CA GLY B 50 7.80 -7.56 20.44
C GLY B 50 7.28 -7.15 21.80
N TRP B 51 8.10 -7.36 22.85
CA TRP B 51 7.79 -6.88 24.19
C TRP B 51 9.04 -6.32 24.87
N ILE B 52 8.80 -5.61 25.98
CA ILE B 52 9.82 -5.02 26.85
C ILE B 52 9.40 -5.23 28.30
N ASN B 53 10.38 -5.51 29.18
CA ASN B 53 10.14 -5.62 30.63
C ASN B 53 10.32 -4.24 31.25
N PRO B 54 9.34 -3.71 32.02
CA PRO B 54 9.41 -2.34 32.52
C PRO B 54 10.48 -2.05 33.58
N ASN B 55 10.92 -3.09 34.32
CA ASN B 55 11.97 -2.94 35.33
C ASN B 55 13.34 -3.18 34.68
N SER B 56 13.48 -4.33 34.01
CA SER B 56 14.72 -4.76 33.38
C SER B 56 15.10 -3.79 32.25
N GLY B 57 14.15 -3.54 31.34
CA GLY B 57 14.38 -2.77 30.11
C GLY B 57 14.79 -3.66 28.95
N GLY B 58 14.94 -4.96 29.22
CA GLY B 58 15.29 -5.96 28.22
C GLY B 58 14.18 -6.11 27.19
N THR B 59 14.58 -6.15 25.92
CA THR B 59 13.67 -6.14 24.78
C THR B 59 13.61 -7.54 24.15
N ASN B 60 12.55 -7.78 23.37
CA ASN B 60 12.35 -9.04 22.67
C ASN B 60 11.52 -8.77 21.40
N TYR B 61 12.21 -8.52 20.30
CA TYR B 61 11.59 -8.17 19.02
C TYR B 61 11.36 -9.43 18.18
N ALA B 62 10.27 -9.44 17.42
CA ALA B 62 10.06 -10.38 16.33
C ALA B 62 11.09 -10.09 15.23
N GLN B 63 11.58 -11.15 14.58
CA GLN B 63 12.73 -11.05 13.67
C GLN B 63 12.38 -10.17 12.46
N LYS B 64 11.10 -10.13 12.08
CA LYS B 64 10.63 -9.29 10.97
C LYS B 64 11.04 -7.84 11.22
N PHE B 65 10.92 -7.38 12.48
CA PHE B 65 11.13 -5.98 12.85
C PHE B 65 12.54 -5.73 13.43
N GLN B 66 13.24 -6.80 13.81
CA GLN B 66 14.57 -6.70 14.43
C GLN B 66 15.48 -5.84 13.52
N GLY B 67 15.97 -4.72 14.07
CA GLY B 67 16.85 -3.79 13.38
C GLY B 67 16.13 -2.52 12.94
N ARG B 68 14.79 -2.55 12.96
CA ARG B 68 13.95 -1.43 12.50
C ARG B 68 13.15 -0.83 13.66
N VAL B 69 13.09 -1.52 14.81
CA VAL B 69 12.27 -1.12 15.94
C VAL B 69 13.16 -0.96 17.18
N THR B 70 12.82 0.02 18.03
CA THR B 70 13.42 0.21 19.34
C THR B 70 12.31 0.45 20.38
N MET B 71 12.19 -0.48 21.33
CA MET B 71 11.26 -0.36 22.44
C MET B 71 12.04 0.07 23.68
N THR B 72 11.61 1.18 24.28
CA THR B 72 12.22 1.74 25.48
C THR B 72 11.11 2.12 26.46
N ARG B 73 11.49 2.78 27.56
CA ARG B 73 10.59 3.10 28.64
C ARG B 73 11.20 4.21 29.53
N ASP B 74 10.35 5.13 29.97
CA ASP B 74 10.69 6.13 30.97
C ASP B 74 9.97 5.75 32.27
N THR B 75 10.70 5.10 33.18
CA THR B 75 10.13 4.42 34.35
C THR B 75 9.51 5.44 35.32
N SER B 76 10.10 6.63 35.40
CA SER B 76 9.70 7.67 36.36
C SER B 76 8.32 8.24 36.00
N ILE B 77 8.15 8.63 34.73
CA ILE B 77 6.92 9.28 34.25
C ILE B 77 5.91 8.21 33.82
N SER B 78 6.34 6.95 33.81
CA SER B 78 5.50 5.79 33.57
C SER B 78 4.97 5.80 32.14
N THR B 79 5.89 5.54 31.20
CA THR B 79 5.59 5.48 29.79
C THR B 79 6.48 4.43 29.12
N ALA B 80 5.87 3.66 28.20
CA ALA B 80 6.58 2.81 27.26
C ALA B 80 6.52 3.45 25.88
N TYR B 81 7.56 3.26 25.07
CA TYR B 81 7.65 3.83 23.73
C TYR B 81 7.96 2.73 22.72
N MET B 82 7.44 2.88 21.50
CA MET B 82 7.72 2.00 20.37
C MET B 82 8.05 2.88 19.16
N GLU B 83 9.32 2.85 18.76
CA GLU B 83 9.81 3.63 17.63
C GLU B 83 10.10 2.70 16.45
N LEU B 84 9.41 2.95 15.32
CA LEU B 84 9.64 2.25 14.07
C LEU B 84 10.21 3.24 13.05
N SER B 85 11.23 2.79 12.30
CA SER B 85 11.94 3.60 11.31
C SER B 85 11.84 2.94 9.94
N ARG B 86 12.41 3.60 8.91
CA ARG B 86 12.49 3.06 7.55
C ARG B 86 11.07 2.70 7.08
N LEU B 87 10.13 3.64 7.32
CA LEU B 87 8.69 3.36 7.23
C LEU B 87 8.28 3.07 5.78
N ARG B 88 7.46 2.03 5.62
CA ARG B 88 6.80 1.68 4.36
C ARG B 88 5.32 1.99 4.47
N PRO B 89 4.60 2.22 3.34
CA PRO B 89 3.14 2.26 3.36
C PRO B 89 2.46 0.98 3.88
N ASP B 90 3.20 -0.15 3.88
CA ASP B 90 2.74 -1.41 4.46
C ASP B 90 2.72 -1.32 5.99
N ASP B 91 3.49 -0.39 6.56
CA ASP B 91 3.51 -0.14 8.01
C ASP B 91 2.28 0.67 8.43
N THR B 92 1.48 1.12 7.47
CA THR B 92 0.20 1.77 7.75
C THR B 92 -0.69 0.79 8.53
N ALA B 93 -0.90 1.08 9.81
CA ALA B 93 -1.68 0.25 10.70
C ALA B 93 -2.01 1.02 11.99
N VAL B 94 -2.90 0.44 12.79
CA VAL B 94 -3.10 0.82 14.17
C VAL B 94 -2.09 0.02 15.01
N TYR B 95 -1.34 0.73 15.85
CA TYR B 95 -0.33 0.13 16.73
C TYR B 95 -0.87 0.13 18.17
N TYR B 96 -0.96 -1.07 18.74
CA TYR B 96 -1.45 -1.27 20.09
C TYR B 96 -0.27 -1.62 21.01
N CYS B 97 -0.31 -1.07 22.23
CA CYS B 97 0.47 -1.58 23.35
C CYS B 97 -0.48 -2.38 24.26
N ALA B 98 0.03 -3.45 24.86
CA ALA B 98 -0.74 -4.27 25.77
C ALA B 98 0.17 -4.89 26.81
N SER B 99 -0.37 -5.03 28.03
CA SER B 99 0.27 -5.78 29.09
C SER B 99 -0.81 -6.48 29.91
N GLY B 100 -0.46 -7.67 30.42
CA GLY B 100 -1.33 -8.45 31.26
C GLY B 100 -0.52 -9.36 32.16
N TYR B 101 -1.22 -9.92 33.15
CA TYR B 101 -0.72 -11.00 33.97
C TYR B 101 -1.86 -12.01 34.13
N CYS B 102 -1.51 -13.26 34.46
CA CYS B 102 -2.50 -14.27 34.75
C CYS B 102 -2.20 -14.93 36.10
N SER B 103 -3.21 -14.88 36.99
CA SER B 103 -3.35 -15.87 38.03
C SER B 103 -3.55 -17.24 37.36
N SER B 104 -3.37 -18.31 38.15
CA SER B 104 -3.65 -19.67 37.70
C SER B 104 -5.14 -19.81 37.38
N THR B 105 -5.97 -19.01 38.06
CA THR B 105 -7.42 -18.96 37.88
C THR B 105 -7.79 -18.20 36.60
N SER B 106 -7.26 -16.97 36.47
CA SER B 106 -7.77 -15.97 35.56
C SER B 106 -6.61 -15.20 34.91
N CYS B 107 -6.88 -14.63 33.73
CA CYS B 107 -5.96 -13.72 33.06
C CYS B 107 -6.53 -12.30 33.10
N TYR B 108 -5.64 -11.32 33.27
CA TYR B 108 -6.01 -9.91 33.32
C TYR B 108 -5.31 -9.17 32.18
N ASP B 109 -6.11 -8.43 31.41
CA ASP B 109 -5.73 -7.97 30.08
C ASP B 109 -5.96 -6.45 30.00
N TYR B 110 -4.91 -5.73 29.58
CA TYR B 110 -4.94 -4.28 29.43
C TYR B 110 -4.39 -3.91 28.04
N TRP B 111 -5.24 -3.26 27.24
CA TRP B 111 -4.89 -2.80 25.90
C TRP B 111 -4.98 -1.28 25.84
N GLY B 112 -4.06 -0.66 25.09
CA GLY B 112 -4.18 0.75 24.72
C GLY B 112 -5.30 0.92 23.70
N GLN B 113 -5.81 2.15 23.59
CA GLN B 113 -6.92 2.46 22.67
C GLN B 113 -6.46 2.29 21.22
N GLY B 114 -5.13 2.32 21.00
CA GLY B 114 -4.52 2.14 19.70
C GLY B 114 -4.18 3.48 19.07
N THR B 115 -3.02 3.52 18.39
CA THR B 115 -2.56 4.70 17.67
C THR B 115 -2.50 4.35 16.17
N LEU B 116 -3.29 5.06 15.36
CA LEU B 116 -3.28 4.92 13.91
C LEU B 116 -2.11 5.73 13.34
N VAL B 117 -1.16 5.03 12.71
CA VAL B 117 -0.03 5.63 12.02
C VAL B 117 -0.21 5.39 10.51
N THR B 118 -0.40 6.48 9.76
CA THR B 118 -0.56 6.43 8.31
C THR B 118 0.76 6.83 7.64
N VAL B 119 1.31 5.92 6.84
CA VAL B 119 2.55 6.15 6.10
C VAL B 119 2.20 6.35 4.62
N SER B 120 2.41 7.56 4.11
CA SER B 120 2.09 7.92 2.74
C SER B 120 2.87 9.16 2.30
N SER B 121 3.11 9.24 0.98
CA SER B 121 3.78 10.37 0.35
C SER B 121 2.81 11.54 0.15
N ALA B 122 1.52 11.29 0.35
CA ALA B 122 0.45 12.22 0.04
C ALA B 122 0.55 13.48 0.91
N SER B 123 0.15 14.61 0.33
CA SER B 123 -0.13 15.84 1.07
C SER B 123 -1.32 15.59 2.01
N THR B 124 -1.44 16.46 3.03
CA THR B 124 -2.58 16.45 3.93
C THR B 124 -3.43 17.70 3.65
N LYS B 125 -4.74 17.50 3.49
CA LYS B 125 -5.69 18.57 3.24
C LYS B 125 -6.55 18.77 4.50
N GLY B 126 -6.67 20.02 4.95
CA GLY B 126 -7.52 20.40 6.06
C GLY B 126 -8.96 20.59 5.61
N PRO B 127 -9.97 20.27 6.46
CA PRO B 127 -11.37 20.37 6.06
C PRO B 127 -11.88 21.82 6.02
N SER B 128 -12.79 22.08 5.06
CA SER B 128 -13.71 23.21 5.14
C SER B 128 -14.79 22.86 6.16
N VAL B 129 -15.02 23.77 7.11
CA VAL B 129 -16.01 23.57 8.17
C VAL B 129 -17.18 24.52 7.91
N PHE B 130 -18.41 23.97 7.99
CA PHE B 130 -19.64 24.71 7.74
C PHE B 130 -20.67 24.40 8.82
N PRO B 131 -21.50 25.39 9.22
CA PRO B 131 -22.56 25.17 10.21
C PRO B 131 -23.85 24.58 9.59
N LEU B 132 -24.36 23.51 10.21
CA LEU B 132 -25.66 22.93 9.84
C LEU B 132 -26.72 23.43 10.84
N ALA B 133 -27.39 24.53 10.48
CA ALA B 133 -28.28 25.26 11.36
C ALA B 133 -29.67 24.61 11.38
N PRO B 134 -30.38 24.67 12.52
CA PRO B 134 -31.72 24.06 12.63
C PRO B 134 -32.81 24.91 11.95
N GLY B 142 -40.94 18.44 20.23
CA GLY B 142 -40.35 19.62 20.86
C GLY B 142 -38.83 19.53 20.94
N THR B 143 -38.22 19.05 19.85
CA THR B 143 -36.76 18.90 19.74
C THR B 143 -36.27 19.67 18.50
N ALA B 144 -35.00 20.09 18.55
CA ALA B 144 -34.33 20.77 17.46
C ALA B 144 -32.96 20.13 17.23
N ALA B 145 -32.57 20.01 15.95
CA ALA B 145 -31.32 19.36 15.56
C ALA B 145 -30.48 20.33 14.72
N LEU B 146 -29.25 20.58 15.19
CA LEU B 146 -28.25 21.32 14.44
C LEU B 146 -26.94 20.52 14.48
N GLY B 147 -25.98 20.90 13.64
CA GLY B 147 -24.75 20.15 13.50
C GLY B 147 -23.62 20.94 12.86
N CYS B 148 -22.50 20.26 12.66
CA CYS B 148 -21.33 20.81 11.98
C CYS B 148 -20.94 19.88 10.82
N LEU B 149 -20.67 20.49 9.65
CA LEU B 149 -20.25 19.77 8.46
C LEU B 149 -18.73 19.95 8.29
N VAL B 150 -18.00 18.85 8.43
CA VAL B 150 -16.55 18.78 8.21
C VAL B 150 -16.32 18.14 6.84
N LYS B 151 -15.81 18.93 5.88
CA LYS B 151 -15.86 18.56 4.47
C LYS B 151 -14.46 18.57 3.85
N ASP B 152 -14.19 17.54 3.03
CA ASP B 152 -13.04 17.47 2.14
C ASP B 152 -11.74 17.59 2.93
N TYR B 153 -11.49 16.60 3.81
CA TYR B 153 -10.25 16.49 4.56
C TYR B 153 -9.60 15.13 4.28
N PHE B 154 -8.27 15.10 4.34
CA PHE B 154 -7.49 13.89 4.23
C PHE B 154 -6.18 14.07 5.00
N PRO B 155 -5.78 13.06 5.78
CA PRO B 155 -6.48 11.80 5.98
C PRO B 155 -7.33 11.82 7.26
N GLU B 156 -7.87 10.64 7.62
CA GLU B 156 -8.50 10.42 8.92
C GLU B 156 -7.42 10.50 10.01
N PRO B 157 -7.76 10.75 11.30
CA PRO B 157 -9.12 11.07 11.74
C PRO B 157 -9.35 12.54 12.10
N VAL B 158 -10.64 12.90 12.26
CA VAL B 158 -11.06 14.20 12.77
C VAL B 158 -11.83 13.96 14.08
N THR B 159 -11.57 14.84 15.07
CA THR B 159 -12.30 14.86 16.33
C THR B 159 -13.13 16.14 16.40
N VAL B 160 -14.45 15.98 16.63
CA VAL B 160 -15.36 17.08 16.83
C VAL B 160 -16.11 16.85 18.15
N SER B 161 -16.29 17.93 18.92
CA SER B 161 -17.06 17.91 20.17
C SER B 161 -17.59 19.32 20.45
N TRP B 162 -18.71 19.39 21.19
CA TRP B 162 -19.50 20.61 21.34
C TRP B 162 -19.22 21.30 22.68
N ASN B 163 -19.18 22.64 22.65
CA ASN B 163 -18.91 23.52 23.80
C ASN B 163 -17.72 22.97 24.62
N SER B 164 -16.62 22.68 23.92
CA SER B 164 -15.38 22.17 24.51
C SER B 164 -15.65 20.91 25.35
N GLY B 165 -16.45 19.99 24.80
CA GLY B 165 -16.75 18.70 25.42
C GLY B 165 -17.69 18.83 26.62
N ALA B 166 -18.56 19.86 26.59
CA ALA B 166 -19.53 20.10 27.67
C ALA B 166 -20.76 19.21 27.46
N LEU B 167 -21.12 18.96 26.19
CA LEU B 167 -22.30 18.18 25.82
C LEU B 167 -21.89 16.73 25.55
N THR B 168 -22.55 15.79 26.24
CA THR B 168 -22.36 14.35 25.99
C THR B 168 -23.65 13.72 25.45
N SER B 169 -24.80 14.31 25.79
CA SER B 169 -26.12 13.77 25.45
C SER B 169 -26.73 14.58 24.29
N GLY B 170 -27.52 13.89 23.45
CA GLY B 170 -28.17 14.47 22.29
C GLY B 170 -27.16 14.82 21.19
N VAL B 171 -25.99 14.18 21.22
CA VAL B 171 -24.92 14.41 20.25
C VAL B 171 -24.63 13.09 19.53
N HIS B 172 -24.51 13.14 18.20
CA HIS B 172 -24.12 12.01 17.38
C HIS B 172 -23.19 12.51 16.26
N THR B 173 -21.92 12.10 16.33
CA THR B 173 -20.96 12.29 15.25
C THR B 173 -20.92 11.01 14.40
N PHE B 174 -21.29 11.15 13.13
CA PHE B 174 -21.39 10.03 12.21
C PHE B 174 -20.01 9.62 11.72
N PRO B 175 -19.82 8.36 11.28
CA PRO B 175 -18.61 7.97 10.55
C PRO B 175 -18.42 8.79 9.25
N ALA B 176 -17.17 8.90 8.81
CA ALA B 176 -16.81 9.68 7.63
C ALA B 176 -17.20 8.91 6.36
N VAL B 177 -17.48 9.66 5.30
CA VAL B 177 -17.69 9.12 3.96
C VAL B 177 -16.38 9.29 3.18
N LEU B 178 -15.93 8.20 2.53
CA LEU B 178 -14.79 8.25 1.64
C LEU B 178 -15.30 8.51 0.22
N GLN B 179 -15.19 9.78 -0.21
CA GLN B 179 -15.64 10.21 -1.52
C GLN B 179 -14.70 9.66 -2.59
N SER B 180 -15.16 9.67 -3.85
CA SER B 180 -14.44 9.07 -4.98
C SER B 180 -13.13 9.81 -5.25
N SER B 181 -13.07 11.09 -4.86
CA SER B 181 -11.87 11.92 -5.01
C SER B 181 -10.74 11.46 -4.07
N GLY B 182 -11.11 10.75 -3.00
CA GLY B 182 -10.16 10.25 -2.01
C GLY B 182 -10.21 11.05 -0.71
N LEU B 183 -10.94 12.17 -0.74
CA LEU B 183 -11.11 13.03 0.43
C LEU B 183 -12.27 12.50 1.30
N TYR B 184 -12.16 12.74 2.60
CA TYR B 184 -13.19 12.39 3.57
C TYR B 184 -14.06 13.62 3.86
N SER B 185 -15.28 13.35 4.34
CA SER B 185 -16.18 14.37 4.86
C SER B 185 -17.01 13.77 6.00
N LEU B 186 -17.40 14.62 6.95
CA LEU B 186 -17.93 14.20 8.25
C LEU B 186 -19.06 15.15 8.67
N SER B 187 -19.98 14.63 9.48
CA SER B 187 -21.08 15.42 10.03
C SER B 187 -21.32 15.00 11.49
N SER B 188 -21.38 15.99 12.39
CA SER B 188 -21.75 15.81 13.78
C SER B 188 -23.01 16.62 14.07
N VAL B 189 -23.98 15.98 14.74
CA VAL B 189 -25.29 16.57 15.01
C VAL B 189 -25.48 16.66 16.53
N VAL B 190 -26.12 17.75 16.96
CA VAL B 190 -26.57 17.92 18.33
C VAL B 190 -28.10 18.10 18.31
N THR B 191 -28.80 17.28 19.09
CA THR B 191 -30.25 17.34 19.24
C THR B 191 -30.59 17.99 20.59
N VAL B 192 -31.27 19.13 20.52
CA VAL B 192 -31.53 19.99 21.67
C VAL B 192 -33.04 20.07 21.90
N PRO B 193 -33.50 20.44 23.11
CA PRO B 193 -34.83 21.01 23.29
C PRO B 193 -34.93 22.37 22.56
N SER B 194 -35.97 22.53 21.73
CA SER B 194 -36.20 23.75 20.95
C SER B 194 -36.26 24.98 21.87
N SER B 195 -36.56 24.74 23.16
CA SER B 195 -36.42 25.70 24.25
C SER B 195 -35.23 26.65 24.00
N SER B 196 -34.07 26.05 23.72
CA SER B 196 -32.81 26.77 23.55
C SER B 196 -32.62 27.14 22.07
N THR B 199 -31.09 31.28 23.14
CA THR B 199 -30.90 31.33 24.58
C THR B 199 -29.56 30.68 24.94
N GLN B 200 -29.38 29.42 24.52
CA GLN B 200 -28.11 28.71 24.62
C GLN B 200 -27.40 28.78 23.26
N THR B 201 -26.11 29.13 23.29
CA THR B 201 -25.28 29.23 22.09
C THR B 201 -24.53 27.91 21.89
N TYR B 202 -24.35 27.53 20.62
CA TYR B 202 -23.86 26.22 20.23
C TYR B 202 -22.58 26.36 19.41
N ILE B 203 -21.51 25.72 19.88
CA ILE B 203 -20.20 25.74 19.22
C ILE B 203 -19.68 24.30 19.13
N CYS B 204 -19.24 23.90 17.94
CA CYS B 204 -18.51 22.65 17.72
C CYS B 204 -17.02 22.97 17.51
N ASN B 205 -16.15 22.06 17.96
CA ASN B 205 -14.70 22.26 17.89
C ASN B 205 -14.11 21.15 17.02
N VAL B 206 -13.90 21.47 15.73
CA VAL B 206 -13.36 20.53 14.76
C VAL B 206 -11.83 20.50 14.93
N ASN B 207 -11.28 19.28 15.02
CA ASN B 207 -9.87 19.06 15.31
C ASN B 207 -9.32 17.99 14.37
N HIS B 208 -8.45 18.43 13.44
CA HIS B 208 -7.78 17.56 12.46
C HIS B 208 -6.27 17.63 12.69
N LYS B 209 -5.74 16.66 13.45
CA LYS B 209 -4.34 16.66 13.87
C LYS B 209 -3.42 16.47 12.66
N PRO B 210 -3.70 15.52 11.75
CA PRO B 210 -2.81 15.27 10.60
C PRO B 210 -2.46 16.48 9.72
N SER B 211 -3.24 17.57 9.80
CA SER B 211 -3.03 18.75 8.95
C SER B 211 -2.94 20.05 9.77
N ASN B 212 -2.75 19.94 11.09
CA ASN B 212 -2.55 21.10 11.98
C ASN B 212 -3.73 22.07 11.85
N THR B 213 -4.96 21.55 11.89
CA THR B 213 -6.17 22.33 11.66
C THR B 213 -7.14 22.16 12.83
N LYS B 214 -7.38 23.26 13.54
CA LYS B 214 -8.44 23.37 14.55
C LYS B 214 -9.32 24.56 14.19
N VAL B 215 -10.63 24.31 14.02
CA VAL B 215 -11.60 25.36 13.73
C VAL B 215 -12.82 25.17 14.64
N ASP B 216 -13.34 26.31 15.13
CA ASP B 216 -14.54 26.38 15.95
C ASP B 216 -15.58 27.23 15.22
N LYS B 217 -16.83 26.78 15.25
CA LYS B 217 -17.95 27.50 14.63
C LYS B 217 -19.20 27.36 15.50
N LYS B 218 -20.04 28.40 15.45
CA LYS B 218 -21.31 28.42 16.17
C LYS B 218 -22.45 28.29 15.16
N VAL B 219 -23.64 27.94 15.67
CA VAL B 219 -24.80 27.57 14.85
C VAL B 219 -26.08 28.04 15.52
N GLU B 220 -26.81 28.98 14.88
CA GLU B 220 -28.18 29.33 15.28
C GLU B 220 -28.92 29.89 14.06
N ALA C 2 28.81 -17.21 -24.76
CA ALA C 2 27.60 -17.31 -23.90
C ALA C 2 27.94 -18.07 -22.60
N VAL C 3 28.65 -17.39 -21.69
CA VAL C 3 29.28 -18.02 -20.53
C VAL C 3 28.18 -18.54 -19.59
N LEU C 4 27.30 -17.63 -19.15
CA LEU C 4 26.19 -17.95 -18.25
C LEU C 4 24.86 -17.67 -18.94
N THR C 5 23.95 -18.67 -18.87
CA THR C 5 22.62 -18.58 -19.44
C THR C 5 21.60 -19.01 -18.38
N GLN C 6 20.51 -18.25 -18.26
CA GLN C 6 19.40 -18.57 -17.37
C GLN C 6 18.11 -18.64 -18.18
N PRO C 7 17.10 -19.43 -17.75
CA PRO C 7 15.75 -19.31 -18.29
C PRO C 7 15.19 -17.90 -18.03
N SER C 8 14.41 -17.39 -19.00
CA SER C 8 13.95 -16.00 -18.98
C SER C 8 12.83 -15.82 -17.95
N SER C 9 11.95 -16.82 -17.82
CA SER C 9 10.76 -16.74 -16.97
C SER C 9 10.45 -18.10 -16.33
N LEU C 10 9.83 -18.05 -15.14
CA LEU C 10 9.36 -19.21 -14.39
C LEU C 10 8.19 -18.79 -13.50
N SER C 11 7.12 -19.60 -13.48
CA SER C 11 5.92 -19.33 -12.70
C SER C 11 5.55 -20.56 -11.86
N ALA C 12 5.26 -20.33 -10.57
CA ALA C 12 4.80 -21.36 -9.64
C ALA C 12 3.93 -20.71 -8.55
N SER C 13 3.11 -21.53 -7.90
CA SER C 13 2.18 -21.09 -6.86
C SER C 13 2.87 -21.17 -5.49
N PRO C 14 2.39 -20.41 -4.48
CA PRO C 14 3.01 -20.41 -3.16
C PRO C 14 2.98 -21.78 -2.46
N GLY C 15 3.96 -22.00 -1.57
CA GLY C 15 4.05 -23.21 -0.75
C GLY C 15 4.93 -24.28 -1.39
N ALA C 16 5.04 -24.28 -2.72
CA ALA C 16 5.79 -25.27 -3.48
C ALA C 16 7.27 -24.86 -3.56
N SER C 17 8.09 -25.72 -4.18
CA SER C 17 9.51 -25.48 -4.38
C SER C 17 9.78 -25.25 -5.87
N VAL C 18 10.79 -24.42 -6.16
CA VAL C 18 11.20 -24.10 -7.54
C VAL C 18 12.72 -24.25 -7.64
N SER C 19 13.19 -24.59 -8.85
CA SER C 19 14.59 -24.69 -9.18
C SER C 19 14.92 -23.71 -10.32
N LEU C 20 15.94 -22.89 -10.11
CA LEU C 20 16.44 -21.96 -11.12
C LEU C 20 17.83 -22.43 -11.57
N THR C 21 18.00 -22.56 -12.89
CA THR C 21 19.24 -23.03 -13.48
C THR C 21 20.09 -21.84 -13.92
N CYS C 22 21.41 -22.02 -13.79
CA CYS C 22 22.43 -21.13 -14.34
C CYS C 22 23.39 -21.98 -15.18
N THR C 23 23.06 -22.15 -16.46
CA THR C 23 23.79 -23.05 -17.36
C THR C 23 25.12 -22.40 -17.75
N LEU C 24 26.21 -23.17 -17.58
CA LEU C 24 27.55 -22.76 -17.97
C LEU C 24 27.86 -23.32 -19.37
N ARG C 25 28.57 -22.53 -20.18
CA ARG C 25 29.01 -22.94 -21.50
C ARG C 25 29.90 -24.19 -21.35
N SER C 26 29.76 -25.12 -22.30
CA SER C 26 30.51 -26.37 -22.28
C SER C 26 32.02 -26.08 -22.30
N GLY C 27 32.76 -26.80 -21.47
CA GLY C 27 34.19 -26.56 -21.25
C GLY C 27 34.45 -25.80 -19.96
N ILE C 28 33.51 -24.93 -19.58
CA ILE C 28 33.54 -24.21 -18.32
C ILE C 28 32.78 -25.04 -17.29
N ASN C 29 33.51 -25.98 -16.65
CA ASN C 29 32.92 -27.02 -15.80
C ASN C 29 32.33 -26.38 -14.54
N VAL C 30 31.07 -26.71 -14.26
CA VAL C 30 30.31 -26.13 -13.14
C VAL C 30 30.96 -26.53 -11.80
N GLY C 31 31.56 -27.73 -11.76
CA GLY C 31 32.16 -28.28 -10.55
C GLY C 31 33.33 -27.46 -10.03
N ALA C 32 33.90 -26.58 -10.86
CA ALA C 32 35.12 -25.83 -10.55
C ALA C 32 34.81 -24.40 -10.07
N TYR C 33 33.53 -24.00 -10.07
CA TYR C 33 33.14 -22.61 -9.79
C TYR C 33 32.15 -22.53 -8.62
N ARG C 34 32.31 -21.47 -7.81
CA ARG C 34 31.31 -21.03 -6.86
C ARG C 34 30.30 -20.13 -7.60
N ILE C 35 29.04 -20.58 -7.65
CA ILE C 35 27.96 -19.84 -8.33
C ILE C 35 27.33 -18.90 -7.31
N TYR C 36 27.42 -17.59 -7.57
CA TYR C 36 26.83 -16.56 -6.73
C TYR C 36 25.41 -16.27 -7.21
N TRP C 37 24.45 -16.23 -6.28
CA TRP C 37 23.04 -15.99 -6.57
C TRP C 37 22.61 -14.67 -5.91
N TYR C 38 21.81 -13.89 -6.64
CA TYR C 38 21.29 -12.61 -6.19
C TYR C 38 19.78 -12.55 -6.46
N GLN C 39 19.07 -11.84 -5.58
CA GLN C 39 17.66 -11.48 -5.75
C GLN C 39 17.58 -9.96 -5.93
N GLN C 40 16.72 -9.51 -6.86
CA GLN C 40 16.51 -8.09 -7.10
C GLN C 40 15.02 -7.83 -7.35
N LYS C 41 14.39 -7.14 -6.39
CA LYS C 41 13.05 -6.60 -6.54
C LYS C 41 13.13 -5.25 -7.22
N PRO C 42 12.07 -4.82 -7.96
CA PRO C 42 12.12 -3.58 -8.73
C PRO C 42 12.42 -2.33 -7.86
N GLY C 43 13.40 -1.54 -8.30
CA GLY C 43 13.74 -0.26 -7.66
C GLY C 43 14.95 -0.35 -6.74
N SER C 44 15.22 -1.57 -6.23
CA SER C 44 16.28 -1.79 -5.24
C SER C 44 17.51 -2.41 -5.90
N PRO C 45 18.71 -2.30 -5.28
CA PRO C 45 19.90 -2.99 -5.78
C PRO C 45 19.80 -4.51 -5.62
N PRO C 46 20.58 -5.30 -6.37
CA PRO C 46 20.63 -6.75 -6.17
C PRO C 46 21.11 -7.10 -4.75
N GLN C 47 20.47 -8.10 -4.14
CA GLN C 47 20.78 -8.57 -2.79
C GLN C 47 21.23 -10.03 -2.87
N PHE C 48 22.35 -10.32 -2.19
CA PHE C 48 23.01 -11.62 -2.24
C PHE C 48 22.18 -12.65 -1.47
N LEU C 49 22.00 -13.83 -2.08
CA LEU C 49 21.27 -14.95 -1.49
C LEU C 49 22.27 -15.96 -0.89
N LEU C 50 23.09 -16.56 -1.76
CA LEU C 50 24.08 -17.55 -1.36
C LEU C 50 25.07 -17.80 -2.51
N ARG C 51 26.23 -18.34 -2.16
CA ARG C 51 27.20 -18.86 -3.11
C ARG C 51 27.40 -20.35 -2.83
N TYR C 52 27.52 -21.15 -3.90
CA TYR C 52 27.51 -22.60 -3.82
C TYR C 52 28.46 -23.19 -4.86
N LYS C 53 29.42 -24.01 -4.40
CA LYS C 53 30.29 -24.81 -5.26
C LYS C 53 29.91 -26.28 -5.12
N SER C 54 29.84 -26.76 -3.87
CA SER C 54 29.44 -28.12 -3.52
C SER C 54 28.71 -28.11 -2.18
N ASP C 55 28.33 -29.29 -1.70
CA ASP C 55 27.68 -29.45 -0.40
C ASP C 55 28.71 -29.20 0.72
N SER C 56 29.99 -29.36 0.40
CA SER C 56 31.09 -29.13 1.33
C SER C 56 31.58 -27.68 1.29
N ASP C 57 31.15 -26.93 0.27
CA ASP C 57 31.61 -25.55 0.02
C ASP C 57 30.41 -24.68 -0.38
N LYS C 58 29.81 -24.03 0.60
CA LYS C 58 28.63 -23.18 0.42
C LYS C 58 28.55 -22.14 1.55
N GLN C 59 28.12 -20.93 1.19
CA GLN C 59 27.94 -19.84 2.14
C GLN C 59 26.61 -19.14 1.87
N GLN C 60 25.79 -19.01 2.92
CA GLN C 60 24.48 -18.35 2.85
C GLN C 60 24.67 -16.84 3.00
N GLY C 61 23.66 -16.07 2.58
CA GLY C 61 23.61 -14.63 2.83
C GLY C 61 23.14 -14.34 4.25
N SER C 62 23.72 -13.30 4.87
CA SER C 62 23.40 -12.90 6.23
C SER C 62 21.94 -12.45 6.32
N GLY C 63 21.12 -13.25 7.01
CA GLY C 63 19.70 -12.97 7.23
C GLY C 63 18.84 -13.42 6.05
N VAL C 64 19.37 -14.35 5.24
CA VAL C 64 18.64 -14.93 4.11
C VAL C 64 18.09 -16.28 4.56
N PRO C 65 16.75 -16.50 4.52
CA PRO C 65 16.14 -17.73 5.02
C PRO C 65 16.75 -19.01 4.45
N SER C 66 16.63 -20.11 5.21
CA SER C 66 17.24 -21.40 4.91
C SER C 66 16.62 -22.02 3.65
N ARG C 67 15.34 -21.71 3.40
CA ARG C 67 14.58 -22.24 2.26
C ARG C 67 15.27 -21.91 0.93
N PHE C 68 16.05 -20.82 0.89
CA PHE C 68 16.97 -20.56 -0.22
C PHE C 68 18.20 -21.45 -0.05
N SER C 69 18.43 -22.33 -1.03
CA SER C 69 19.51 -23.32 -0.97
C SER C 69 20.12 -23.52 -2.36
N GLY C 70 21.41 -23.81 -2.38
CA GLY C 70 22.16 -24.07 -3.61
C GLY C 70 22.16 -25.54 -3.97
N SER C 71 22.53 -25.83 -5.22
CA SER C 71 22.70 -27.18 -5.75
C SER C 71 23.49 -27.10 -7.05
N ARG C 72 23.72 -28.26 -7.68
CA ARG C 72 24.40 -28.32 -8.98
C ARG C 72 24.08 -29.67 -9.65
N ASP C 73 24.48 -29.77 -10.92
CA ASP C 73 24.36 -31.00 -11.70
C ASP C 73 25.47 -31.02 -12.75
N ALA C 74 26.35 -32.02 -12.64
CA ALA C 74 27.56 -32.13 -13.46
C ALA C 74 27.20 -32.39 -14.93
N SER C 75 26.19 -33.24 -15.16
CA SER C 75 25.80 -33.68 -16.50
C SER C 75 25.23 -32.51 -17.31
N ALA C 76 24.33 -31.73 -16.69
CA ALA C 76 23.69 -30.58 -17.34
C ALA C 76 24.64 -29.38 -17.39
N ASN C 77 25.72 -29.43 -16.59
CA ASN C 77 26.72 -28.36 -16.47
C ASN C 77 26.01 -27.07 -16.05
N ALA C 78 25.18 -27.19 -14.99
CA ALA C 78 24.30 -26.12 -14.54
C ALA C 78 24.28 -26.06 -13.01
N GLY C 79 24.62 -24.89 -12.47
CA GLY C 79 24.33 -24.55 -11.08
C GLY C 79 22.84 -24.36 -10.87
N ILE C 80 22.37 -24.65 -9.66
CA ILE C 80 20.95 -24.61 -9.33
C ILE C 80 20.75 -23.77 -8.07
N LEU C 81 19.70 -22.95 -8.08
CA LEU C 81 19.16 -22.31 -6.88
C LEU C 81 17.77 -22.89 -6.60
N LEU C 82 17.53 -23.24 -5.34
CA LEU C 82 16.27 -23.81 -4.89
C LEU C 82 15.61 -22.84 -3.91
N ILE C 83 14.28 -22.69 -4.03
CA ILE C 83 13.46 -21.90 -3.12
C ILE C 83 12.30 -22.79 -2.66
N SER C 84 12.11 -22.89 -1.34
CA SER C 84 11.18 -23.88 -0.74
C SER C 84 9.85 -23.23 -0.33
N GLY C 85 9.92 -22.12 0.42
CA GLY C 85 8.73 -21.46 0.95
C GLY C 85 7.84 -20.94 -0.16
N LEU C 86 8.47 -20.34 -1.16
CA LEU C 86 7.81 -19.65 -2.27
C LEU C 86 6.66 -18.78 -1.72
N ARG C 87 7.04 -17.83 -0.86
CA ARG C 87 6.18 -16.72 -0.49
C ARG C 87 6.03 -15.81 -1.71
N SER C 88 4.97 -15.00 -1.73
CA SER C 88 4.74 -13.99 -2.77
C SER C 88 5.85 -12.92 -2.74
N GLU C 89 6.50 -12.78 -1.58
CA GLU C 89 7.66 -11.91 -1.39
C GLU C 89 8.82 -12.29 -2.32
N ASP C 90 8.84 -13.56 -2.78
CA ASP C 90 9.95 -14.12 -3.55
C ASP C 90 9.88 -13.67 -5.03
N GLU C 91 8.75 -13.08 -5.45
CA GLU C 91 8.62 -12.58 -6.82
C GLU C 91 9.65 -11.48 -7.07
N ALA C 92 10.61 -11.77 -7.95
CA ALA C 92 11.73 -10.88 -8.27
C ALA C 92 12.49 -11.45 -9.48
N ASP C 93 13.54 -10.73 -9.89
CA ASP C 93 14.51 -11.22 -10.86
C ASP C 93 15.66 -11.88 -10.10
N TYR C 94 16.18 -12.99 -10.65
CA TYR C 94 17.23 -13.78 -10.01
C TYR C 94 18.41 -13.94 -10.98
N TYR C 95 19.57 -13.42 -10.56
CA TYR C 95 20.79 -13.44 -11.35
C TYR C 95 21.83 -14.36 -10.70
N CYS C 96 22.57 -15.08 -11.54
CA CYS C 96 23.72 -15.87 -11.12
C CYS C 96 25.00 -15.20 -11.61
N ALA C 97 26.11 -15.47 -10.92
CA ALA C 97 27.41 -14.88 -11.25
C ALA C 97 28.54 -15.84 -10.86
N ILE C 98 29.61 -15.82 -11.66
CA ILE C 98 30.84 -16.55 -11.39
C ILE C 98 32.03 -15.63 -11.67
N TRP C 99 33.16 -15.95 -11.06
CA TRP C 99 34.45 -15.35 -11.38
C TRP C 99 35.14 -16.20 -12.45
N HIS C 100 35.01 -15.76 -13.72
CA HIS C 100 35.49 -16.50 -14.88
C HIS C 100 36.42 -15.62 -15.71
N SER C 101 37.60 -16.17 -16.03
CA SER C 101 38.63 -15.50 -16.82
C SER C 101 38.92 -14.11 -16.25
N SER C 102 39.18 -14.06 -14.94
CA SER C 102 39.64 -12.87 -14.22
C SER C 102 38.64 -11.71 -14.38
N ALA C 103 37.34 -12.03 -14.35
CA ALA C 103 36.27 -11.02 -14.38
C ALA C 103 34.98 -11.62 -13.82
N TRP C 104 34.16 -10.77 -13.20
CA TRP C 104 32.83 -11.14 -12.72
C TRP C 104 31.85 -11.12 -13.90
N VAL C 105 31.30 -12.30 -14.21
CA VAL C 105 30.29 -12.47 -15.25
C VAL C 105 28.94 -12.71 -14.58
N PHE C 106 27.90 -12.01 -15.07
CA PHE C 106 26.53 -12.18 -14.61
C PHE C 106 25.71 -12.85 -15.71
N GLY C 107 24.64 -13.55 -15.29
CA GLY C 107 23.67 -14.14 -16.20
C GLY C 107 22.67 -13.10 -16.69
N GLY C 108 21.82 -13.53 -17.62
CA GLY C 108 20.76 -12.68 -18.19
C GLY C 108 19.65 -12.41 -17.19
N GLY C 109 19.45 -13.35 -16.26
CA GLY C 109 18.47 -13.21 -15.19
C GLY C 109 17.22 -14.04 -15.47
N THR C 110 16.58 -14.51 -14.40
CA THR C 110 15.31 -15.22 -14.46
C THR C 110 14.27 -14.41 -13.68
N GLN C 111 13.14 -14.11 -14.35
CA GLN C 111 12.02 -13.43 -13.73
C GLN C 111 11.07 -14.49 -13.13
N LEU C 112 11.09 -14.59 -11.80
CA LEU C 112 10.22 -15.52 -11.07
C LEU C 112 8.91 -14.82 -10.71
N THR C 113 7.80 -15.33 -11.26
CA THR C 113 6.46 -14.85 -10.95
C THR C 113 5.79 -15.84 -10.00
N VAL C 114 5.22 -15.32 -8.90
CA VAL C 114 4.47 -16.11 -7.93
C VAL C 114 2.98 -15.80 -8.13
N LEU C 115 2.20 -16.86 -8.40
CA LEU C 115 0.79 -16.74 -8.75
C LEU C 115 -0.03 -16.55 -7.47
N GLY C 116 -0.99 -15.62 -7.50
CA GLY C 116 -1.79 -15.28 -6.33
C GLY C 116 -3.20 -15.83 -6.41
N GLY C 117 -3.36 -16.95 -7.13
CA GLY C 117 -4.65 -17.61 -7.33
C GLY C 117 -5.67 -16.70 -7.98
N GLN C 118 -5.21 -15.87 -8.93
CA GLN C 118 -6.06 -14.92 -9.65
C GLN C 118 -6.77 -15.67 -10.77
N PRO C 119 -8.11 -15.51 -10.93
CA PRO C 119 -8.83 -16.07 -12.07
C PRO C 119 -8.58 -15.28 -13.35
N LYS C 120 -8.77 -15.93 -14.50
CA LYS C 120 -8.64 -15.29 -15.81
C LYS C 120 -9.61 -14.10 -15.89
N ALA C 121 -9.10 -12.97 -16.36
CA ALA C 121 -9.86 -11.72 -16.50
C ALA C 121 -9.66 -11.17 -17.92
N ALA C 122 -10.77 -10.74 -18.54
CA ALA C 122 -10.76 -10.13 -19.87
C ALA C 122 -10.30 -8.68 -19.76
N PRO C 123 -9.46 -8.19 -20.70
CA PRO C 123 -8.95 -6.82 -20.64
C PRO C 123 -10.00 -5.74 -20.98
N SER C 124 -10.00 -4.66 -20.19
CA SER C 124 -10.78 -3.46 -20.47
C SER C 124 -9.90 -2.48 -21.26
N VAL C 125 -10.32 -2.16 -22.49
CA VAL C 125 -9.55 -1.33 -23.41
C VAL C 125 -10.27 0.02 -23.59
N THR C 126 -9.55 1.11 -23.26
CA THR C 126 -10.02 2.48 -23.44
C THR C 126 -9.03 3.22 -24.35
N LEU C 127 -9.49 3.57 -25.56
CA LEU C 127 -8.70 4.33 -26.52
C LEU C 127 -9.08 5.81 -26.42
N PHE C 128 -8.10 6.64 -26.02
CA PHE C 128 -8.27 8.07 -25.86
C PHE C 128 -7.82 8.79 -27.14
N PRO C 129 -8.65 9.68 -27.72
CA PRO C 129 -8.22 10.54 -28.81
C PRO C 129 -7.29 11.64 -28.28
N PRO C 130 -6.65 12.44 -29.16
CA PRO C 130 -5.80 13.54 -28.72
C PRO C 130 -6.65 14.61 -28.02
N SER C 131 -6.17 15.11 -26.88
CA SER C 131 -6.84 16.16 -26.13
C SER C 131 -6.79 17.47 -26.91
N SER C 132 -7.78 18.34 -26.68
CA SER C 132 -7.89 19.65 -27.33
C SER C 132 -6.62 20.48 -27.06
N GLU C 133 -6.02 20.27 -25.89
CA GLU C 133 -4.86 21.03 -25.43
C GLU C 133 -3.62 20.62 -26.24
N GLU C 134 -3.45 19.31 -26.49
CA GLU C 134 -2.34 18.80 -27.27
C GLU C 134 -2.49 19.24 -28.74
N LEU C 135 -3.73 19.30 -29.23
CA LEU C 135 -4.03 19.74 -30.60
C LEU C 135 -3.69 21.22 -30.77
N GLN C 136 -3.91 22.02 -29.71
CA GLN C 136 -3.58 23.45 -29.71
C GLN C 136 -2.07 23.65 -29.54
N ALA C 137 -1.37 22.61 -29.04
CA ALA C 137 0.09 22.58 -28.97
C ALA C 137 0.70 22.02 -30.27
N ASN C 138 -0.17 21.68 -31.24
CA ASN C 138 0.21 21.25 -32.59
C ASN C 138 0.87 19.86 -32.53
N LYS C 139 0.31 18.97 -31.69
CA LYS C 139 0.72 17.56 -31.60
C LYS C 139 -0.54 16.69 -31.48
N ALA C 140 -0.37 15.38 -31.64
CA ALA C 140 -1.47 14.41 -31.54
C ALA C 140 -0.93 13.08 -31.01
N THR C 141 -1.57 12.56 -29.96
CA THR C 141 -1.22 11.28 -29.35
C THR C 141 -2.49 10.52 -29.00
N LEU C 142 -2.67 9.36 -29.64
CA LEU C 142 -3.72 8.41 -29.29
C LEU C 142 -3.18 7.51 -28.17
N VAL C 143 -3.91 7.46 -27.05
CA VAL C 143 -3.53 6.68 -25.88
C VAL C 143 -4.51 5.51 -25.72
N CYS C 144 -4.02 4.30 -26.01
CA CYS C 144 -4.77 3.07 -25.83
C CYS C 144 -4.32 2.39 -24.52
N LEU C 145 -5.23 2.32 -23.56
CA LEU C 145 -4.92 1.82 -22.22
C LEU C 145 -5.69 0.52 -21.97
N ILE C 146 -4.93 -0.57 -21.82
CA ILE C 146 -5.45 -1.90 -21.54
C ILE C 146 -5.21 -2.18 -20.06
N SER C 147 -6.25 -2.66 -19.36
CA SER C 147 -6.19 -2.87 -17.92
C SER C 147 -7.13 -4.02 -17.50
N ASP C 148 -6.89 -4.51 -16.28
CA ASP C 148 -7.76 -5.48 -15.60
C ASP C 148 -7.79 -6.81 -16.35
N PHE C 149 -6.64 -7.25 -16.86
CA PHE C 149 -6.54 -8.56 -17.52
C PHE C 149 -5.57 -9.45 -16.72
N TYR C 150 -5.90 -10.75 -16.72
CA TYR C 150 -5.06 -11.81 -16.20
C TYR C 150 -5.30 -13.06 -17.04
N PRO C 151 -4.24 -13.78 -17.43
CA PRO C 151 -2.85 -13.48 -17.12
C PRO C 151 -2.29 -12.32 -17.97
N GLY C 152 -1.11 -11.83 -17.56
CA GLY C 152 -0.53 -10.59 -18.09
C GLY C 152 0.28 -10.80 -19.35
N ALA C 153 -0.42 -11.15 -20.45
CA ALA C 153 0.17 -11.25 -21.77
C ALA C 153 -0.84 -10.76 -22.82
N VAL C 154 -0.47 -9.69 -23.53
CA VAL C 154 -1.32 -9.07 -24.55
C VAL C 154 -0.47 -8.74 -25.77
N THR C 155 -1.13 -8.71 -26.94
CA THR C 155 -0.57 -8.19 -28.18
C THR C 155 -1.45 -7.03 -28.64
N VAL C 156 -0.81 -5.90 -28.97
CA VAL C 156 -1.52 -4.68 -29.37
C VAL C 156 -1.13 -4.34 -30.82
N ALA C 157 -2.15 -4.06 -31.64
CA ALA C 157 -1.97 -3.68 -33.04
C ALA C 157 -2.77 -2.41 -33.33
N TRP C 158 -2.15 -1.50 -34.09
CA TRP C 158 -2.78 -0.24 -34.50
C TRP C 158 -3.15 -0.31 -35.98
N LYS C 159 -4.18 0.45 -36.35
CA LYS C 159 -4.61 0.56 -37.76
C LYS C 159 -5.01 2.02 -38.04
N ALA C 160 -4.52 2.59 -39.14
CA ALA C 160 -5.00 3.91 -39.58
C ALA C 160 -5.94 3.52 -40.71
N ASP C 161 -7.24 3.78 -40.57
CA ASP C 161 -8.23 3.24 -41.53
C ASP C 161 -8.06 1.72 -41.47
N SER C 162 -7.83 1.06 -42.61
CA SER C 162 -7.65 -0.40 -42.64
C SER C 162 -6.17 -0.80 -42.74
N SER C 163 -5.27 0.17 -42.90
CA SER C 163 -3.83 -0.10 -43.04
C SER C 163 -3.20 -0.26 -41.65
N PRO C 164 -2.50 -1.40 -41.37
CA PRO C 164 -1.83 -1.59 -40.08
C PRO C 164 -0.58 -0.71 -39.93
N VAL C 165 -0.37 -0.19 -38.72
CA VAL C 165 0.69 0.78 -38.41
C VAL C 165 1.65 0.16 -37.38
N LYS C 166 2.95 0.39 -37.59
CA LYS C 166 3.98 0.13 -36.58
C LYS C 166 4.78 1.42 -36.29
N ALA C 167 4.85 2.33 -37.26
CA ALA C 167 5.58 3.59 -37.11
C ALA C 167 4.86 4.51 -36.12
N GLY C 168 5.62 5.08 -35.19
CA GLY C 168 5.11 6.02 -34.18
C GLY C 168 4.41 5.31 -33.03
N VAL C 169 4.62 4.00 -32.90
CA VAL C 169 3.99 3.18 -31.85
C VAL C 169 5.04 2.86 -30.79
N GLU C 170 4.66 3.08 -29.52
CA GLU C 170 5.43 2.68 -28.35
C GLU C 170 4.48 1.95 -27.38
N THR C 171 4.86 0.74 -26.96
CA THR C 171 4.03 -0.10 -26.10
C THR C 171 4.83 -0.53 -24.87
N THR C 172 4.19 -0.42 -23.69
CA THR C 172 4.77 -0.85 -22.43
C THR C 172 4.52 -2.35 -22.24
N THR C 173 5.49 -3.03 -21.62
CA THR C 173 5.32 -4.41 -21.18
C THR C 173 4.25 -4.44 -20.08
N PRO C 174 3.32 -5.42 -20.10
CA PRO C 174 2.33 -5.56 -19.02
C PRO C 174 2.97 -5.51 -17.63
N SER C 175 2.42 -4.67 -16.75
CA SER C 175 2.89 -4.47 -15.39
C SER C 175 1.76 -4.73 -14.40
N LYS C 176 2.13 -5.12 -13.18
CA LYS C 176 1.19 -5.55 -12.15
C LYS C 176 0.46 -4.31 -11.58
N GLN C 177 -0.86 -4.45 -11.39
CA GLN C 177 -1.70 -3.43 -10.76
C GLN C 177 -1.71 -3.66 -9.23
N SER C 178 -2.43 -2.80 -8.51
CA SER C 178 -2.63 -2.92 -7.07
C SER C 178 -3.43 -4.17 -6.72
N ASN C 179 -4.35 -4.55 -7.62
CA ASN C 179 -5.29 -5.68 -7.40
C ASN C 179 -4.75 -6.97 -8.02
N ASN C 180 -3.46 -6.97 -8.42
CA ASN C 180 -2.72 -8.16 -8.87
C ASN C 180 -3.18 -8.62 -10.27
N LYS C 181 -3.99 -7.80 -10.95
CA LYS C 181 -4.25 -7.96 -12.38
C LYS C 181 -3.22 -7.11 -13.13
N TYR C 182 -3.21 -7.22 -14.46
CA TYR C 182 -2.19 -6.57 -15.28
C TYR C 182 -2.82 -5.47 -16.13
N ALA C 183 -1.99 -4.46 -16.43
CA ALA C 183 -2.32 -3.37 -17.33
C ALA C 183 -1.17 -3.16 -18.32
N ALA C 184 -1.49 -2.63 -19.49
CA ALA C 184 -0.52 -2.27 -20.52
C ALA C 184 -1.01 -1.01 -21.25
N SER C 185 -0.04 -0.17 -21.65
CA SER C 185 -0.32 1.07 -22.36
C SER C 185 0.45 1.08 -23.68
N SER C 186 -0.19 1.63 -24.72
CA SER C 186 0.43 1.82 -26.02
C SER C 186 0.05 3.22 -26.55
N TYR C 187 0.98 3.84 -27.27
CA TYR C 187 0.84 5.19 -27.78
C TYR C 187 1.13 5.22 -29.29
N LEU C 188 0.23 5.82 -30.06
CA LEU C 188 0.46 6.13 -31.47
C LEU C 188 0.54 7.66 -31.63
N SER C 189 1.77 8.16 -31.76
CA SER C 189 2.04 9.58 -31.89
C SER C 189 2.02 9.98 -33.37
N LEU C 190 1.17 10.97 -33.70
CA LEU C 190 1.05 11.52 -35.04
C LEU C 190 1.14 13.04 -34.98
N THR C 191 0.93 13.68 -36.13
CA THR C 191 0.72 15.11 -36.26
C THR C 191 -0.78 15.38 -36.18
N PRO C 192 -1.22 16.65 -35.99
CA PRO C 192 -2.63 17.00 -36.18
C PRO C 192 -3.13 16.77 -37.61
N GLU C 193 -2.26 17.00 -38.61
CA GLU C 193 -2.62 16.82 -40.03
C GLU C 193 -2.86 15.34 -40.33
N GLN C 194 -2.04 14.44 -39.76
CA GLN C 194 -2.22 12.99 -39.93
C GLN C 194 -3.50 12.53 -39.22
N TRP C 195 -3.71 13.06 -38.00
CA TRP C 195 -4.87 12.73 -37.17
C TRP C 195 -6.18 12.97 -37.95
N LYS C 196 -6.29 14.15 -38.57
CA LYS C 196 -7.52 14.60 -39.24
C LYS C 196 -7.62 14.02 -40.65
N SER C 197 -6.47 13.73 -41.28
CA SER C 197 -6.42 13.23 -42.67
C SER C 197 -7.13 11.86 -42.76
N HIS C 198 -6.87 10.99 -41.78
CA HIS C 198 -7.51 9.68 -41.69
C HIS C 198 -8.91 9.83 -41.07
N ARG C 199 -9.71 8.76 -41.20
CA ARG C 199 -11.13 8.78 -40.83
C ARG C 199 -11.34 8.06 -39.49
N SER C 200 -10.58 6.99 -39.25
CA SER C 200 -10.62 6.25 -37.98
C SER C 200 -9.24 5.70 -37.64
N TYR C 201 -9.01 5.51 -36.33
CA TYR C 201 -7.83 4.83 -35.81
C TYR C 201 -8.28 3.71 -34.87
N SER C 202 -7.65 2.53 -35.03
CA SER C 202 -8.03 1.34 -34.28
C SER C 202 -6.87 0.90 -33.39
N CYS C 203 -7.22 0.36 -32.21
CA CYS C 203 -6.29 -0.27 -31.29
C CYS C 203 -6.81 -1.66 -30.93
N GLN C 204 -6.23 -2.68 -31.58
CA GLN C 204 -6.64 -4.07 -31.41
C GLN C 204 -5.81 -4.70 -30.29
N VAL C 205 -6.50 -5.39 -29.36
CA VAL C 205 -5.88 -6.02 -28.20
C VAL C 205 -6.29 -7.49 -28.18
N THR C 206 -5.29 -8.38 -28.14
CA THR C 206 -5.49 -9.83 -28.11
C THR C 206 -5.03 -10.38 -26.75
N HIS C 207 -5.95 -11.05 -26.04
CA HIS C 207 -5.69 -11.66 -24.75
C HIS C 207 -6.35 -13.04 -24.68
N GLU C 208 -5.52 -14.08 -24.53
CA GLU C 208 -5.96 -15.48 -24.40
C GLU C 208 -6.83 -15.87 -25.61
N GLY C 209 -6.48 -15.37 -26.79
CA GLY C 209 -7.11 -15.75 -28.06
C GLY C 209 -8.47 -15.09 -28.28
N SER C 210 -8.80 -14.06 -27.48
CA SER C 210 -9.99 -13.25 -27.67
C SER C 210 -9.57 -11.81 -27.96
N THR C 211 -10.19 -11.20 -28.97
CA THR C 211 -9.78 -9.90 -29.49
C THR C 211 -10.80 -8.83 -29.12
N VAL C 212 -10.28 -7.70 -28.63
CA VAL C 212 -11.05 -6.49 -28.36
C VAL C 212 -10.44 -5.35 -29.20
N GLU C 213 -11.30 -4.63 -29.94
CA GLU C 213 -10.87 -3.51 -30.77
C GLU C 213 -11.74 -2.30 -30.43
N LYS C 214 -11.08 -1.16 -30.18
CA LYS C 214 -11.73 0.13 -29.96
C LYS C 214 -11.26 1.11 -31.03
N THR C 215 -12.14 2.06 -31.36
CA THR C 215 -11.92 3.00 -32.46
C THR C 215 -12.19 4.44 -31.97
N VAL C 216 -11.45 5.38 -32.56
CA VAL C 216 -11.65 6.81 -32.36
C VAL C 216 -11.55 7.50 -33.73
N ALA C 217 -12.31 8.58 -33.90
CA ALA C 217 -12.36 9.34 -35.15
C ALA C 217 -12.29 10.83 -34.84
N PRO C 218 -11.72 11.65 -35.76
CA PRO C 218 -11.66 13.11 -35.57
C PRO C 218 -13.04 13.74 -35.34
N VAL D 3 0.26 -20.74 9.46
CA VAL D 3 0.53 -21.43 10.77
C VAL D 3 -0.80 -21.65 11.49
N LEU D 4 -1.54 -20.55 11.72
CA LEU D 4 -2.89 -20.59 12.26
C LEU D 4 -3.88 -20.17 11.17
N THR D 5 -4.99 -20.91 11.05
CA THR D 5 -6.04 -20.65 10.08
C THR D 5 -7.41 -20.72 10.77
N GLN D 6 -8.25 -19.72 10.50
CA GLN D 6 -9.59 -19.61 11.05
C GLN D 6 -10.59 -19.46 9.91
N PRO D 7 -11.84 -19.95 10.07
CA PRO D 7 -12.93 -19.61 9.13
C PRO D 7 -13.14 -18.10 9.09
N SER D 8 -13.37 -17.56 7.88
CA SER D 8 -13.42 -16.11 7.67
C SER D 8 -14.72 -15.52 8.22
N SER D 9 -15.84 -16.25 8.06
CA SER D 9 -17.16 -15.76 8.46
C SER D 9 -17.98 -16.89 9.10
N LEU D 10 -18.94 -16.48 9.94
CA LEU D 10 -19.91 -17.36 10.57
C LEU D 10 -21.09 -16.51 11.06
N SER D 11 -22.32 -16.93 10.73
CA SER D 11 -23.53 -16.24 11.15
C SER D 11 -24.49 -17.24 11.82
N ALA D 12 -25.07 -16.83 12.95
CA ALA D 12 -25.99 -17.66 13.73
C ALA D 12 -27.07 -16.79 14.37
N SER D 13 -28.08 -17.46 14.94
CA SER D 13 -29.22 -16.81 15.59
C SER D 13 -28.91 -16.62 17.08
N PRO D 14 -29.61 -15.68 17.77
CA PRO D 14 -29.42 -15.48 19.21
C PRO D 14 -29.95 -16.67 20.03
N GLY D 15 -29.26 -16.98 21.13
CA GLY D 15 -29.66 -18.05 22.06
C GLY D 15 -28.90 -19.34 21.84
N ALA D 16 -28.49 -19.59 20.59
CA ALA D 16 -27.80 -20.82 20.20
C ALA D 16 -26.34 -20.78 20.66
N SER D 17 -25.62 -21.88 20.41
CA SER D 17 -24.20 -22.01 20.67
C SER D 17 -23.46 -22.12 19.33
N VAL D 18 -22.27 -21.51 19.25
CA VAL D 18 -21.44 -21.53 18.05
C VAL D 18 -20.04 -22.00 18.43
N SER D 19 -19.35 -22.60 17.46
CA SER D 19 -17.98 -23.09 17.60
C SER D 19 -17.07 -22.38 16.59
N LEU D 20 -15.92 -21.90 17.06
CA LEU D 20 -14.93 -21.22 16.22
C LEU D 20 -13.60 -21.99 16.30
N THR D 21 -13.17 -22.52 15.15
CA THR D 21 -11.96 -23.34 15.07
C THR D 21 -10.72 -22.45 14.89
N CYS D 22 -9.60 -22.93 15.42
CA CYS D 22 -8.28 -22.35 15.23
C CYS D 22 -7.34 -23.47 14.76
N THR D 23 -7.37 -23.74 13.45
CA THR D 23 -6.65 -24.85 12.85
C THR D 23 -5.15 -24.56 12.83
N LEU D 24 -4.36 -25.51 13.33
CA LEU D 24 -2.90 -25.45 13.34
C LEU D 24 -2.35 -26.21 12.12
N ARG D 25 -1.25 -25.70 11.55
CA ARG D 25 -0.53 -26.38 10.47
C ARG D 25 -0.06 -27.75 10.98
N SER D 26 -0.13 -28.75 10.11
CA SER D 26 0.18 -30.14 10.46
C SER D 26 1.64 -30.26 10.94
N GLY D 27 1.84 -31.06 11.99
CA GLY D 27 3.11 -31.16 12.70
C GLY D 27 3.10 -30.40 14.01
N ILE D 28 2.28 -29.35 14.08
CA ILE D 28 2.12 -28.51 15.27
C ILE D 28 0.96 -29.05 16.10
N ASN D 29 1.26 -30.00 17.00
CA ASN D 29 0.27 -30.69 17.81
C ASN D 29 -0.49 -29.68 18.69
N VAL D 30 -1.81 -29.62 18.51
CA VAL D 30 -2.72 -28.72 19.25
C VAL D 30 -2.62 -28.99 20.76
N GLY D 31 -2.35 -30.24 21.13
CA GLY D 31 -2.25 -30.66 22.53
C GLY D 31 -1.11 -29.99 23.29
N ALA D 32 -0.09 -29.52 22.55
CA ALA D 32 1.15 -29.00 23.13
C ALA D 32 1.15 -27.46 23.16
N TYR D 33 -0.01 -26.83 22.97
CA TYR D 33 -0.10 -25.36 22.93
C TYR D 33 -1.35 -24.88 23.69
N ARG D 34 -1.18 -23.78 24.43
CA ARG D 34 -2.27 -22.98 24.95
C ARG D 34 -2.71 -22.00 23.86
N ILE D 35 -3.96 -22.14 23.39
CA ILE D 35 -4.53 -21.26 22.36
C ILE D 35 -5.22 -20.09 23.06
N TYR D 36 -4.75 -18.87 22.77
CA TYR D 36 -5.30 -17.63 23.30
C TYR D 36 -6.45 -17.17 22.39
N TRP D 37 -7.55 -16.71 22.99
CA TRP D 37 -8.72 -16.25 22.26
C TRP D 37 -9.02 -14.79 22.62
N TYR D 38 -9.20 -13.96 21.59
CA TYR D 38 -9.52 -12.55 21.74
C TYR D 38 -10.83 -12.22 21.01
N GLN D 39 -11.51 -11.18 21.49
CA GLN D 39 -12.66 -10.58 20.82
C GLN D 39 -12.31 -9.13 20.48
N GLN D 40 -12.71 -8.67 19.28
CA GLN D 40 -12.49 -7.30 18.86
C GLN D 40 -13.74 -6.77 18.17
N LYS D 41 -14.42 -5.82 18.84
CA LYS D 41 -15.48 -5.02 18.24
C LYS D 41 -14.82 -3.91 17.41
N PRO D 42 -15.51 -3.36 16.38
CA PRO D 42 -14.95 -2.30 15.56
C PRO D 42 -14.61 -1.03 16.34
N GLY D 43 -13.37 -0.53 16.16
CA GLY D 43 -12.92 0.74 16.73
C GLY D 43 -12.33 0.60 18.12
N SER D 44 -12.19 -0.65 18.60
CA SER D 44 -11.64 -0.95 19.92
C SER D 44 -10.48 -1.93 19.78
N PRO D 45 -9.57 -2.01 20.77
CA PRO D 45 -8.51 -3.02 20.77
C PRO D 45 -9.06 -4.43 20.99
N PRO D 46 -8.34 -5.49 20.59
CA PRO D 46 -8.72 -6.86 20.94
C PRO D 46 -8.73 -7.07 22.46
N GLN D 47 -9.78 -7.74 22.96
CA GLN D 47 -9.94 -8.02 24.38
C GLN D 47 -9.87 -9.54 24.60
N PHE D 48 -9.03 -9.94 25.56
CA PHE D 48 -8.77 -11.35 25.86
C PHE D 48 -10.04 -12.01 26.41
N LEU D 49 -10.34 -13.21 25.89
CA LEU D 49 -11.51 -14.00 26.31
C LEU D 49 -11.05 -15.09 27.27
N LEU D 50 -10.18 -15.98 26.77
CA LEU D 50 -9.64 -17.11 27.52
C LEU D 50 -8.49 -17.73 26.70
N ARG D 51 -7.73 -18.61 27.36
CA ARG D 51 -6.79 -19.47 26.67
C ARG D 51 -6.94 -20.89 27.22
N TYR D 52 -6.63 -21.87 26.36
CA TYR D 52 -7.02 -23.26 26.57
C TYR D 52 -5.97 -24.19 25.98
N LYS D 53 -5.50 -25.15 26.81
CA LYS D 53 -4.59 -26.21 26.38
C LYS D 53 -5.31 -27.56 26.53
N SER D 54 -5.79 -27.85 27.75
CA SER D 54 -6.60 -29.03 28.06
C SER D 54 -7.84 -28.58 28.83
N ASP D 55 -8.71 -29.54 29.18
CA ASP D 55 -9.80 -29.30 30.12
C ASP D 55 -9.18 -29.08 31.51
N SER D 56 -8.03 -29.70 31.74
CA SER D 56 -7.18 -29.46 32.91
C SER D 56 -6.65 -28.02 32.89
N ASP D 57 -5.90 -27.67 31.84
CA ASP D 57 -5.22 -26.39 31.71
C ASP D 57 -6.12 -25.40 30.95
N LYS D 58 -6.83 -24.56 31.71
CA LYS D 58 -7.72 -23.51 31.19
C LYS D 58 -7.71 -22.35 32.19
N GLN D 59 -7.77 -21.11 31.67
CA GLN D 59 -8.09 -19.91 32.46
C GLN D 59 -8.99 -18.99 31.63
N GLN D 60 -9.89 -18.28 32.32
CA GLN D 60 -10.83 -17.33 31.75
C GLN D 60 -10.28 -15.91 31.93
N GLY D 61 -10.63 -15.01 31.00
CA GLY D 61 -10.41 -13.58 31.16
C GLY D 61 -11.39 -12.98 32.15
N SER D 62 -10.91 -12.03 32.96
CA SER D 62 -11.73 -11.38 33.99
C SER D 62 -12.80 -10.51 33.32
N GLY D 63 -14.07 -10.77 33.67
CA GLY D 63 -15.22 -10.06 33.14
C GLY D 63 -15.87 -10.77 31.97
N VAL D 64 -15.21 -11.81 31.45
CA VAL D 64 -15.71 -12.61 30.34
C VAL D 64 -16.67 -13.66 30.90
N PRO D 65 -17.97 -13.65 30.51
CA PRO D 65 -18.93 -14.64 30.99
C PRO D 65 -18.49 -16.09 30.69
N SER D 66 -19.01 -17.04 31.48
CA SER D 66 -18.61 -18.45 31.42
C SER D 66 -19.16 -19.12 30.15
N ARG D 67 -20.16 -18.49 29.51
CA ARG D 67 -20.72 -18.96 28.24
C ARG D 67 -19.64 -18.97 27.15
N PHE D 68 -18.57 -18.20 27.35
CA PHE D 68 -17.33 -18.33 26.58
C PHE D 68 -16.47 -19.42 27.20
N SER D 69 -16.24 -20.51 26.45
CA SER D 69 -15.46 -21.64 26.93
C SER D 69 -14.55 -22.17 25.82
N GLY D 70 -13.48 -22.85 26.23
CA GLY D 70 -12.51 -23.43 25.33
C GLY D 70 -12.73 -24.91 25.14
N SER D 71 -12.31 -25.40 23.97
CA SER D 71 -12.26 -26.82 23.66
C SER D 71 -11.18 -27.03 22.59
N ARG D 72 -10.93 -28.31 22.25
CA ARG D 72 -9.98 -28.65 21.22
C ARG D 72 -10.42 -29.94 20.53
N ASP D 73 -9.74 -30.28 19.43
CA ASP D 73 -9.90 -31.55 18.77
C ASP D 73 -8.51 -32.02 18.31
N ALA D 74 -8.21 -33.30 18.57
CA ALA D 74 -6.95 -33.91 18.20
C ALA D 74 -6.97 -34.29 16.71
N SER D 75 -8.08 -34.86 16.25
CA SER D 75 -8.24 -35.37 14.89
C SER D 75 -7.99 -34.25 13.87
N ALA D 76 -8.73 -33.15 14.05
CA ALA D 76 -8.46 -31.89 13.35
C ALA D 76 -7.55 -31.04 14.25
N ASN D 77 -6.40 -30.62 13.71
CA ASN D 77 -5.42 -29.86 14.47
C ASN D 77 -6.04 -28.49 14.80
N ALA D 78 -7.10 -28.50 15.61
CA ALA D 78 -7.99 -27.36 15.76
C ALA D 78 -8.26 -27.08 17.24
N GLY D 79 -8.07 -25.81 17.62
CA GLY D 79 -8.56 -25.27 18.88
C GLY D 79 -9.91 -24.61 18.68
N ILE D 80 -10.87 -24.97 19.54
CA ILE D 80 -12.25 -24.51 19.42
C ILE D 80 -12.51 -23.44 20.49
N LEU D 81 -13.30 -22.43 20.10
CA LEU D 81 -13.91 -21.49 21.02
C LEU D 81 -15.42 -21.72 21.02
N LEU D 82 -15.98 -21.92 22.21
CA LEU D 82 -17.41 -22.10 22.40
C LEU D 82 -18.03 -20.79 22.87
N ILE D 83 -19.16 -20.43 22.26
CA ILE D 83 -20.01 -19.32 22.70
C ILE D 83 -21.44 -19.86 22.85
N SER D 84 -21.95 -19.91 24.08
CA SER D 84 -23.34 -20.27 24.34
C SER D 84 -24.14 -19.00 24.65
N GLY D 85 -25.47 -19.14 24.66
CA GLY D 85 -26.39 -18.01 24.88
C GLY D 85 -25.97 -16.79 24.08
N LEU D 86 -25.95 -16.95 22.75
CA LEU D 86 -25.44 -15.93 21.84
C LEU D 86 -26.33 -14.69 21.89
N ARG D 87 -25.69 -13.52 22.05
CA ARG D 87 -26.36 -12.23 22.08
C ARG D 87 -25.86 -11.39 20.88
N SER D 88 -26.56 -10.28 20.63
CA SER D 88 -26.23 -9.36 19.54
C SER D 88 -24.86 -8.69 19.79
N GLU D 89 -24.54 -8.48 21.07
CA GLU D 89 -23.30 -7.81 21.48
C GLU D 89 -22.08 -8.72 21.29
N ASP D 90 -22.30 -9.96 20.84
CA ASP D 90 -21.23 -10.92 20.55
C ASP D 90 -20.69 -10.71 19.13
N GLU D 91 -21.40 -9.91 18.31
CA GLU D 91 -20.93 -9.54 16.96
C GLU D 91 -19.56 -8.86 17.06
N ALA D 92 -18.53 -9.54 16.55
CA ALA D 92 -17.16 -9.07 16.61
C ALA D 92 -16.26 -9.96 15.73
N ASP D 93 -14.99 -9.57 15.62
CA ASP D 93 -13.94 -10.41 15.04
C ASP D 93 -13.25 -11.17 16.17
N TYR D 94 -13.00 -12.46 15.95
CA TYR D 94 -12.42 -13.36 16.94
C TYR D 94 -11.10 -13.92 16.40
N TYR D 95 -10.01 -13.63 17.14
CA TYR D 95 -8.65 -14.02 16.76
C TYR D 95 -8.11 -15.03 17.78
N CYS D 96 -7.42 -16.05 17.26
CA CYS D 96 -6.71 -17.03 18.08
C CYS D 96 -5.21 -16.83 17.92
N ALA D 97 -4.45 -17.20 18.97
CA ALA D 97 -3.01 -17.01 19.00
C ALA D 97 -2.34 -18.13 19.82
N ILE D 98 -1.11 -18.46 19.45
CA ILE D 98 -0.25 -19.37 20.19
C ILE D 98 1.17 -18.78 20.22
N TRP D 99 1.99 -19.29 21.14
CA TRP D 99 3.42 -18.98 21.24
C TRP D 99 4.22 -20.08 20.54
N HIS D 100 4.57 -19.84 19.28
CA HIS D 100 5.26 -20.80 18.42
C HIS D 100 6.55 -20.19 17.87
N SER D 101 7.61 -21.00 17.86
CA SER D 101 8.96 -20.58 17.46
C SER D 101 9.40 -19.34 18.25
N SER D 102 9.03 -19.31 19.54
CA SER D 102 9.34 -18.23 20.47
C SER D 102 8.89 -16.88 19.89
N ALA D 103 7.64 -16.83 19.38
CA ALA D 103 7.01 -15.61 18.89
C ALA D 103 5.49 -15.80 18.87
N TRP D 104 4.75 -14.72 19.14
CA TRP D 104 3.30 -14.72 19.09
C TRP D 104 2.83 -14.69 17.64
N VAL D 105 2.00 -15.68 17.28
CA VAL D 105 1.41 -15.81 15.95
C VAL D 105 -0.12 -15.75 16.10
N PHE D 106 -0.75 -14.90 15.28
CA PHE D 106 -2.19 -14.70 15.30
C PHE D 106 -2.82 -15.28 14.02
N GLY D 107 -4.08 -15.69 14.12
CA GLY D 107 -4.86 -16.15 12.99
C GLY D 107 -5.44 -15.01 12.18
N GLY D 108 -6.02 -15.35 11.02
CA GLY D 108 -6.62 -14.37 10.10
C GLY D 108 -7.87 -13.73 10.68
N GLY D 109 -8.57 -14.46 11.55
CA GLY D 109 -9.75 -13.97 12.26
C GLY D 109 -11.04 -14.56 11.72
N THR D 110 -12.09 -14.50 12.54
CA THR D 110 -13.43 -14.97 12.18
C THR D 110 -14.45 -13.89 12.50
N GLN D 111 -15.13 -13.39 11.46
CA GLN D 111 -16.22 -12.43 11.62
C GLN D 111 -17.48 -13.19 12.04
N LEU D 112 -18.07 -12.78 13.17
CA LEU D 112 -19.27 -13.40 13.72
C LEU D 112 -20.45 -12.44 13.57
N THR D 113 -21.51 -12.89 12.90
CA THR D 113 -22.74 -12.14 12.70
C THR D 113 -23.88 -12.84 13.46
N VAL D 114 -24.76 -12.04 14.07
CA VAL D 114 -25.91 -12.54 14.83
C VAL D 114 -27.18 -11.95 14.20
N LEU D 115 -27.84 -12.75 13.37
CA LEU D 115 -28.98 -12.31 12.55
C LEU D 115 -30.25 -12.28 13.42
N GLY D 116 -31.01 -11.20 13.32
CA GLY D 116 -32.24 -11.00 14.07
C GLY D 116 -31.95 -10.85 15.56
N GLY D 117 -30.91 -10.07 15.89
CA GLY D 117 -30.44 -9.90 17.25
C GLY D 117 -31.35 -9.01 18.09
N GLN D 118 -31.99 -8.03 17.43
CA GLN D 118 -32.79 -6.99 18.09
C GLN D 118 -34.11 -6.83 17.35
N PRO D 119 -35.11 -6.15 17.95
CA PRO D 119 -36.35 -5.80 17.24
C PRO D 119 -36.06 -4.76 16.15
N LYS D 120 -36.87 -4.78 15.09
CA LYS D 120 -36.71 -3.87 13.96
C LYS D 120 -36.98 -2.44 14.43
N ALA D 121 -36.13 -1.51 13.96
CA ALA D 121 -36.23 -0.10 14.29
C ALA D 121 -36.24 0.70 12.99
N ALA D 122 -37.22 1.61 12.85
CA ALA D 122 -37.32 2.49 11.72
C ALA D 122 -36.28 3.60 11.85
N PRO D 123 -35.69 4.08 10.73
CA PRO D 123 -34.65 5.12 10.80
C PRO D 123 -35.20 6.51 11.15
N SER D 124 -34.41 7.27 11.91
CA SER D 124 -34.64 8.69 12.15
C SER D 124 -33.76 9.49 11.17
N VAL D 125 -34.39 10.33 10.36
CA VAL D 125 -33.75 11.00 9.24
C VAL D 125 -33.71 12.51 9.51
N THR D 126 -32.56 13.12 9.24
CA THR D 126 -32.35 14.57 9.32
C THR D 126 -31.64 15.03 8.05
N LEU D 127 -32.29 15.91 7.28
CA LEU D 127 -31.73 16.49 6.08
C LEU D 127 -31.44 17.98 6.32
N PHE D 128 -30.17 18.36 6.16
CA PHE D 128 -29.73 19.74 6.27
C PHE D 128 -29.48 20.31 4.88
N PRO D 129 -29.93 21.57 4.60
CA PRO D 129 -29.65 22.21 3.32
C PRO D 129 -28.21 22.70 3.26
N PRO D 130 -27.71 23.16 2.09
CA PRO D 130 -26.38 23.74 1.99
C PRO D 130 -26.27 25.03 2.83
N SER D 131 -25.14 25.19 3.52
CA SER D 131 -24.87 26.38 4.32
C SER D 131 -24.72 27.60 3.40
N SER D 132 -25.10 28.77 3.93
CA SER D 132 -24.84 30.04 3.26
C SER D 132 -23.34 30.23 3.07
N GLU D 133 -22.55 29.80 4.07
CA GLU D 133 -21.09 29.89 4.06
C GLU D 133 -20.51 29.06 2.89
N GLU D 134 -21.10 27.89 2.63
CA GLU D 134 -20.67 27.01 1.54
C GLU D 134 -21.13 27.61 0.20
N LEU D 135 -22.31 28.22 0.18
CA LEU D 135 -22.83 28.91 -1.02
C LEU D 135 -21.95 30.12 -1.34
N GLN D 136 -21.35 30.74 -0.31
CA GLN D 136 -20.38 31.83 -0.48
C GLN D 136 -19.13 31.29 -1.18
N ALA D 137 -18.72 30.06 -0.83
CA ALA D 137 -17.56 29.39 -1.42
C ALA D 137 -17.90 28.79 -2.79
N ASN D 138 -19.14 28.97 -3.24
CA ASN D 138 -19.61 28.58 -4.58
C ASN D 138 -19.71 27.05 -4.69
N LYS D 139 -20.23 26.43 -3.63
CA LYS D 139 -20.52 24.99 -3.61
C LYS D 139 -21.82 24.76 -2.83
N ALA D 140 -22.45 23.60 -3.05
CA ALA D 140 -23.67 23.21 -2.36
C ALA D 140 -23.63 21.70 -2.07
N THR D 141 -23.90 21.34 -0.81
CA THR D 141 -23.88 19.97 -0.33
C THR D 141 -25.07 19.71 0.59
N LEU D 142 -25.98 18.83 0.16
CA LEU D 142 -27.06 18.33 1.01
C LEU D 142 -26.49 17.26 1.95
N VAL D 143 -26.90 17.30 3.22
CA VAL D 143 -26.44 16.38 4.25
C VAL D 143 -27.66 15.65 4.84
N CYS D 144 -27.83 14.38 4.47
CA CYS D 144 -28.89 13.52 4.96
C CYS D 144 -28.28 12.48 5.92
N LEU D 145 -28.71 12.52 7.18
CA LEU D 145 -28.11 11.75 8.26
C LEU D 145 -29.15 10.80 8.86
N ILE D 146 -28.86 9.50 8.77
CA ILE D 146 -29.79 8.42 9.07
C ILE D 146 -29.25 7.65 10.30
N SER D 147 -30.12 7.45 11.30
CA SER D 147 -29.73 6.85 12.57
C SER D 147 -30.88 6.02 13.15
N ASP D 148 -30.51 5.09 14.05
CA ASP D 148 -31.44 4.33 14.90
C ASP D 148 -32.31 3.39 14.06
N PHE D 149 -31.74 2.79 13.01
CA PHE D 149 -32.45 1.79 12.22
C PHE D 149 -31.84 0.41 12.48
N TYR D 150 -32.71 -0.61 12.38
CA TYR D 150 -32.32 -2.01 12.46
C TYR D 150 -33.39 -2.84 11.77
N PRO D 151 -32.99 -3.82 10.94
CA PRO D 151 -31.63 -4.21 10.66
C PRO D 151 -30.86 -3.18 9.80
N GLY D 152 -29.53 -3.35 9.74
CA GLY D 152 -28.62 -2.35 9.19
C GLY D 152 -28.51 -2.44 7.68
N ALA D 153 -29.60 -2.11 6.98
CA ALA D 153 -29.65 -2.04 5.53
C ALA D 153 -30.73 -1.06 5.09
N VAL D 154 -30.31 0.06 4.48
CA VAL D 154 -31.21 1.06 3.93
C VAL D 154 -30.75 1.39 2.51
N THR D 155 -31.73 1.52 1.60
CA THR D 155 -31.51 2.04 0.26
C THR D 155 -31.81 3.54 0.30
N VAL D 156 -30.90 4.33 -0.26
CA VAL D 156 -30.99 5.79 -0.24
C VAL D 156 -31.19 6.29 -1.68
N ALA D 157 -32.17 7.18 -1.86
CA ALA D 157 -32.44 7.83 -3.13
C ALA D 157 -32.66 9.33 -2.88
N TRP D 158 -32.19 10.14 -3.82
CA TRP D 158 -32.36 11.60 -3.75
C TRP D 158 -33.24 12.02 -4.94
N LYS D 159 -34.19 12.91 -4.70
CA LYS D 159 -35.04 13.39 -5.80
C LYS D 159 -35.06 14.91 -5.79
N ALA D 160 -34.90 15.53 -6.96
CA ALA D 160 -35.01 17.00 -7.08
C ALA D 160 -36.41 17.24 -7.60
N ASP D 161 -37.23 18.01 -6.88
CA ASP D 161 -38.64 18.20 -7.30
C ASP D 161 -39.25 16.79 -7.37
N SER D 162 -39.82 16.42 -8.50
CA SER D 162 -40.40 15.06 -8.63
C SER D 162 -39.46 14.13 -9.40
N SER D 163 -38.29 14.63 -9.78
CA SER D 163 -37.36 13.84 -10.64
C SER D 163 -36.25 13.17 -9.84
N PRO D 164 -35.92 11.89 -10.15
CA PRO D 164 -34.84 11.18 -9.48
C PRO D 164 -33.45 11.75 -9.82
N VAL D 165 -32.56 11.76 -8.82
CA VAL D 165 -31.17 12.24 -9.00
C VAL D 165 -30.28 11.04 -9.33
N LYS D 166 -29.27 11.25 -10.17
CA LYS D 166 -28.33 10.18 -10.54
C LYS D 166 -26.96 10.48 -9.93
N ALA D 167 -26.35 11.60 -10.34
CA ALA D 167 -24.97 11.94 -10.00
C ALA D 167 -24.91 12.72 -8.68
N GLY D 168 -23.73 12.67 -8.04
CA GLY D 168 -23.37 13.55 -6.92
C GLY D 168 -23.72 12.94 -5.57
N VAL D 169 -24.05 11.65 -5.54
CA VAL D 169 -24.46 10.97 -4.31
C VAL D 169 -23.31 10.11 -3.79
N GLU D 170 -22.84 10.43 -2.58
CA GLU D 170 -21.87 9.62 -1.84
C GLU D 170 -22.51 9.22 -0.50
N THR D 171 -22.69 7.91 -0.30
CA THR D 171 -23.38 7.36 0.86
C THR D 171 -22.44 6.40 1.61
N THR D 172 -22.44 6.51 2.94
CA THR D 172 -21.67 5.63 3.82
C THR D 172 -22.39 4.28 3.92
N THR D 173 -21.61 3.23 4.21
CA THR D 173 -22.16 1.94 4.62
C THR D 173 -22.61 2.04 6.07
N PRO D 174 -23.76 1.42 6.43
CA PRO D 174 -24.25 1.48 7.81
C PRO D 174 -23.27 0.85 8.81
N SER D 175 -22.89 1.63 9.83
CA SER D 175 -22.04 1.16 10.93
C SER D 175 -22.85 1.15 12.22
N LYS D 176 -22.57 0.18 13.09
CA LYS D 176 -23.30 0.01 14.35
C LYS D 176 -22.94 1.19 15.27
N GLN D 177 -23.97 1.77 15.88
CA GLN D 177 -23.83 2.91 16.80
C GLN D 177 -23.48 2.38 18.19
N SER D 178 -23.44 3.29 19.17
CA SER D 178 -23.13 2.97 20.56
C SER D 178 -24.24 2.10 21.18
N ASN D 179 -25.47 2.23 20.67
CA ASN D 179 -26.66 1.60 21.28
C ASN D 179 -27.15 0.42 20.42
N ASN D 180 -26.23 -0.27 19.76
CA ASN D 180 -26.48 -1.55 19.05
C ASN D 180 -27.34 -1.36 17.79
N LYS D 181 -27.70 -0.11 17.46
CA LYS D 181 -28.44 0.19 16.23
C LYS D 181 -27.44 0.73 15.18
N TYR D 182 -27.91 0.95 13.96
CA TYR D 182 -27.06 1.33 12.84
C TYR D 182 -27.30 2.80 12.46
N ALA D 183 -26.24 3.42 11.92
CA ALA D 183 -26.28 4.78 11.41
C ALA D 183 -25.60 4.83 10.04
N ALA D 184 -26.05 5.77 9.21
CA ALA D 184 -25.48 6.02 7.89
C ALA D 184 -25.67 7.51 7.55
N SER D 185 -24.97 7.94 6.50
CA SER D 185 -25.04 9.30 6.01
C SER D 185 -24.85 9.31 4.49
N SER D 186 -25.61 10.19 3.82
CA SER D 186 -25.53 10.37 2.38
C SER D 186 -25.40 11.86 2.07
N TYR D 187 -24.50 12.19 1.14
CA TYR D 187 -24.20 13.56 0.75
C TYR D 187 -24.50 13.73 -0.74
N LEU D 188 -25.39 14.68 -1.06
CA LEU D 188 -25.65 15.09 -2.43
C LEU D 188 -24.90 16.40 -2.70
N SER D 189 -24.02 16.37 -3.70
CA SER D 189 -23.25 17.54 -4.14
C SER D 189 -23.84 18.06 -5.45
N LEU D 190 -23.99 19.40 -5.54
CA LEU D 190 -24.47 20.05 -6.75
C LEU D 190 -24.03 21.52 -6.73
N THR D 191 -24.16 22.18 -7.90
CA THR D 191 -23.79 23.58 -8.07
C THR D 191 -24.79 24.44 -7.29
N PRO D 192 -24.38 25.60 -6.74
CA PRO D 192 -25.33 26.55 -6.15
C PRO D 192 -26.45 26.96 -7.12
N GLU D 193 -26.17 26.88 -8.43
CA GLU D 193 -27.10 27.23 -9.48
C GLU D 193 -28.29 26.26 -9.47
N GLN D 194 -28.00 24.96 -9.44
CA GLN D 194 -29.04 23.91 -9.50
C GLN D 194 -29.66 23.67 -8.12
N TRP D 195 -29.08 24.25 -7.06
CA TRP D 195 -29.69 24.22 -5.72
C TRP D 195 -30.98 25.04 -5.74
N LYS D 196 -30.89 26.31 -6.14
CA LYS D 196 -32.01 27.25 -6.11
C LYS D 196 -32.78 27.24 -7.44
N SER D 197 -32.28 26.49 -8.43
CA SER D 197 -33.02 26.26 -9.68
C SER D 197 -34.26 25.42 -9.38
N HIS D 198 -34.08 24.37 -8.57
CA HIS D 198 -35.16 23.48 -8.14
C HIS D 198 -35.83 24.04 -6.89
N ARG D 199 -37.13 23.74 -6.71
CA ARG D 199 -37.90 24.15 -5.54
C ARG D 199 -37.40 23.42 -4.29
N SER D 200 -37.32 22.09 -4.40
CA SER D 200 -37.11 21.22 -3.27
C SER D 200 -36.12 20.10 -3.63
N TYR D 201 -35.45 19.59 -2.59
CA TYR D 201 -34.62 18.41 -2.66
C TYR D 201 -34.96 17.51 -1.46
N SER D 202 -35.16 16.21 -1.74
CA SER D 202 -35.57 15.25 -0.72
C SER D 202 -34.62 14.05 -0.70
N CYS D 203 -34.44 13.49 0.51
CA CYS D 203 -33.62 12.31 0.76
C CYS D 203 -34.55 11.17 1.19
N GLN D 204 -34.63 10.13 0.36
CA GLN D 204 -35.59 9.04 0.51
C GLN D 204 -34.87 7.82 1.11
N VAL D 205 -35.22 7.50 2.36
CA VAL D 205 -34.59 6.41 3.11
C VAL D 205 -35.59 5.26 3.22
N THR D 206 -35.41 4.22 2.40
CA THR D 206 -36.26 3.05 2.39
C THR D 206 -35.66 1.98 3.31
N HIS D 207 -36.44 1.57 4.32
CA HIS D 207 -36.04 0.57 5.29
C HIS D 207 -37.24 -0.32 5.63
N GLU D 208 -37.11 -1.62 5.31
CA GLU D 208 -38.10 -2.66 5.62
C GLU D 208 -39.46 -2.28 5.01
N GLY D 209 -39.44 -1.88 3.73
CA GLY D 209 -40.65 -1.74 2.92
C GLY D 209 -41.30 -0.37 3.03
N SER D 210 -40.84 0.47 3.97
CA SER D 210 -41.37 1.81 4.18
C SER D 210 -40.27 2.86 3.93
N THR D 211 -40.68 4.03 3.45
CA THR D 211 -39.76 5.10 3.05
C THR D 211 -39.99 6.34 3.94
N VAL D 212 -38.94 6.73 4.67
CA VAL D 212 -38.91 7.97 5.42
C VAL D 212 -38.30 9.05 4.51
N GLU D 213 -39.05 10.13 4.29
CA GLU D 213 -38.70 11.18 3.35
C GLU D 213 -38.65 12.53 4.07
N LYS D 214 -37.54 13.25 3.89
CA LYS D 214 -37.33 14.59 4.41
C LYS D 214 -36.92 15.51 3.26
N THR D 215 -37.41 16.76 3.29
CA THR D 215 -37.25 17.70 2.19
C THR D 215 -36.73 19.05 2.73
N VAL D 216 -35.88 19.70 1.93
CA VAL D 216 -35.39 21.05 2.18
C VAL D 216 -35.55 21.86 0.90
N ALA D 217 -35.72 23.18 1.05
CA ALA D 217 -35.95 24.09 -0.06
C ALA D 217 -35.15 25.37 0.15
N PRO D 218 -34.67 26.03 -0.93
CA PRO D 218 -33.97 27.31 -0.81
C PRO D 218 -34.88 28.39 -0.20
N THR D 219 -34.42 28.98 0.91
CA THR D 219 -35.15 30.01 1.63
C THR D 219 -34.91 31.37 0.95
N PHE E 3 38.65 -12.42 7.46
CA PHE E 3 37.88 -13.49 6.75
C PHE E 3 38.35 -13.55 5.29
N GLU E 4 37.40 -13.45 4.35
CA GLU E 4 37.64 -13.48 2.91
C GLU E 4 36.92 -12.30 2.26
N ASP E 5 37.50 -11.76 1.18
CA ASP E 5 36.91 -10.68 0.39
C ASP E 5 35.79 -11.26 -0.47
N PHE E 6 34.70 -10.50 -0.60
CA PHE E 6 33.48 -10.94 -1.28
C PHE E 6 33.68 -10.93 -2.80
N TRP E 7 34.39 -9.92 -3.31
CA TRP E 7 34.51 -9.64 -4.75
C TRP E 7 35.88 -10.04 -5.31
N LYS E 8 36.58 -10.97 -4.63
CA LYS E 8 37.91 -11.41 -5.08
C LYS E 8 38.10 -12.89 -4.70
N PHE F 6 2.08 -13.04 31.21
CA PHE F 6 1.06 -13.18 30.12
C PHE F 6 1.76 -13.34 28.78
N TRP F 7 2.41 -12.27 28.32
CA TRP F 7 3.01 -12.20 26.99
C TRP F 7 4.43 -12.79 27.05
#